data_2CDQ
#
_entry.id   2CDQ
#
_cell.length_a   117.342
_cell.length_b   117.342
_cell.length_c   255.283
_cell.angle_alpha   90.00
_cell.angle_beta   90.00
_cell.angle_gamma   90.00
#
_symmetry.space_group_name_H-M   'I 41'
#
loop_
_entity.id
_entity.type
_entity.pdbx_description
1 polymer ASPARTOKINASE
2 non-polymer LYSINE
3 non-polymer 'D(-)-TARTARIC ACID'
4 non-polymer S-ADENOSYLMETHIONINE
5 water water
#
_entity_poly.entity_id   1
_entity_poly.type   'polypeptide(L)'
_entity_poly.pdbx_seq_one_letter_code
;MGSRNIVRAVLEEKKTEAITEVDEKGITCVMKFGGSSVASAERMKEVADLILTFPEESPVIVLSAMGKTTNNLLLAGEKA
VSCGVSNASEIEELSIIKELHIRTVKELNIDPSVILTYLEELEQLLKGIAMMKELTLRTRDYLVSFGECLSTRIFAAYLN
TIGVKARQYDAFEIGFITTDDFTNGDILEATYPAVAKRLYDDWMHDPAVPIVTGFLGKGWKTGAVTTLGRGGSDLTATTI
GKALGLKEIQVWKDVDGVLTCDPTIYKRATPVPYLTFDEAAELAYFGAQVLHPQSMRPAREGEIPVRVKNSYNPKAPGTI
ITKTRDMTKSILTSIVLKRNVTMLDIASTRMLGQVGFLAKVFSIFEELGISVDVVATSEVSISLTLDPSKLWSRELIQQE
LDHVVEELEKIAVVNLLKGRAIISLIGNVQHSSLILERAFHVLYTKGVNVQMISQGASKVNISFIVNEAEAEGCVQALHK
SFFESGDLSELLIQPRLGNGSPVRTLQVEN
;
_entity_poly.pdbx_strand_id   A,B
#
# COMPACT_ATOMS: atom_id res chain seq x y z
N LYS A 25 34.39 -12.90 37.59
CA LYS A 25 33.07 -13.27 38.20
C LYS A 25 31.91 -13.16 37.20
N GLY A 26 32.21 -13.34 35.91
CA GLY A 26 31.18 -13.42 34.87
C GLY A 26 31.29 -12.38 33.76
N ILE A 27 30.81 -12.76 32.56
CA ILE A 27 30.67 -11.86 31.42
C ILE A 27 29.61 -10.82 31.76
N THR A 28 29.90 -9.54 31.52
CA THR A 28 28.96 -8.46 31.91
C THR A 28 28.17 -7.85 30.75
N CYS A 29 28.76 -7.86 29.55
CA CYS A 29 28.14 -7.27 28.36
C CYS A 29 28.83 -7.69 27.08
N VAL A 30 28.15 -7.45 25.95
CA VAL A 30 28.71 -7.68 24.62
C VAL A 30 28.88 -6.34 23.88
N MET A 31 30.06 -6.15 23.29
CA MET A 31 30.35 -4.95 22.52
C MET A 31 30.58 -5.30 21.06
N LYS A 32 29.81 -4.67 20.19
CA LYS A 32 29.87 -4.92 18.76
C LYS A 32 30.55 -3.76 18.07
N PHE A 33 31.46 -4.09 17.16
CA PHE A 33 32.20 -3.08 16.38
C PHE A 33 32.09 -3.36 14.88
N GLY A 34 31.77 -2.30 14.14
CA GLY A 34 31.63 -2.37 12.70
C GLY A 34 32.95 -2.33 11.96
N GLY A 35 32.87 -2.35 10.63
CA GLY A 35 34.04 -2.39 9.77
C GLY A 35 35.00 -1.23 9.95
N SER A 36 34.46 -0.01 9.94
CA SER A 36 35.28 1.20 10.03
C SER A 36 36.02 1.32 11.37
N SER A 37 35.40 0.77 12.43
CA SER A 37 36.02 0.68 13.76
C SER A 37 37.27 -0.19 13.78
N VAL A 38 37.35 -1.15 12.86
CA VAL A 38 38.52 -2.01 12.73
C VAL A 38 39.05 -2.00 11.30
N ALA A 39 39.00 -0.83 10.66
CA ALA A 39 39.44 -0.66 9.27
C ALA A 39 40.96 -0.74 9.09
N SER A 40 41.70 -0.53 10.19
CA SER A 40 43.16 -0.55 10.16
C SER A 40 43.73 -0.87 11.55
N ALA A 41 45.02 -1.17 11.58
CA ALA A 41 45.75 -1.36 12.83
C ALA A 41 45.54 -0.18 13.80
N GLU A 42 45.54 1.03 13.24
CA GLU A 42 45.37 2.23 14.06
C GLU A 42 43.98 2.30 14.71
N ARG A 43 42.94 2.03 13.93
CA ARG A 43 41.59 2.03 14.46
C ARG A 43 41.39 0.89 15.46
N MET A 44 42.02 -0.25 15.18
CA MET A 44 42.01 -1.38 16.10
C MET A 44 42.58 -0.97 17.46
N LYS A 45 43.63 -0.16 17.44
CA LYS A 45 44.24 0.34 18.67
C LYS A 45 43.27 1.14 19.52
N GLU A 46 42.33 1.84 18.87
CA GLU A 46 41.27 2.57 19.57
C GLU A 46 40.34 1.60 20.28
N VAL A 47 39.98 0.51 19.60
CA VAL A 47 39.06 -0.49 20.13
C VAL A 47 39.65 -1.13 21.39
N ALA A 48 40.91 -1.54 21.31
CA ALA A 48 41.60 -2.13 22.46
C ALA A 48 41.63 -1.14 23.63
N ASP A 49 41.83 0.14 23.29
CA ASP A 49 41.79 1.24 24.26
C ASP A 49 40.43 1.38 24.92
N LEU A 50 39.36 1.14 24.17
CA LEU A 50 38.02 1.12 24.73
C LEU A 50 37.84 -0.03 25.72
N ILE A 51 38.30 -1.22 25.36
CA ILE A 51 38.27 -2.37 26.27
C ILE A 51 38.97 -2.06 27.59
N LEU A 52 40.14 -1.44 27.51
CA LEU A 52 40.93 -1.08 28.69
C LEU A 52 40.36 0.11 29.48
N THR A 53 39.40 0.81 28.90
CA THR A 53 38.72 1.92 29.58
C THR A 53 37.77 1.43 30.67
N PHE A 54 37.29 0.19 30.52
CA PHE A 54 36.37 -0.41 31.48
C PHE A 54 36.90 -1.72 32.07
N PRO A 55 37.93 -1.66 32.94
CA PRO A 55 38.52 -2.89 33.50
C PRO A 55 37.57 -3.58 34.48
N GLU A 56 36.71 -2.76 35.10
CA GLU A 56 35.62 -3.23 35.96
C GLU A 56 34.47 -3.87 35.17
N GLU A 57 34.69 -4.09 33.87
CA GLU A 57 33.70 -4.73 33.00
C GLU A 57 34.38 -5.86 32.22
N SER A 58 33.67 -6.98 32.05
CA SER A 58 34.21 -8.14 31.33
C SER A 58 33.41 -8.39 30.05
N PRO A 59 33.92 -7.90 28.90
CA PRO A 59 33.12 -7.88 27.68
C PRO A 59 33.29 -9.09 26.76
N VAL A 60 32.29 -9.31 25.90
CA VAL A 60 32.43 -10.17 24.73
C VAL A 60 32.48 -9.26 23.52
N ILE A 61 33.50 -9.45 22.67
CA ILE A 61 33.68 -8.57 21.52
C ILE A 61 33.20 -9.23 20.24
N VAL A 62 32.34 -8.53 19.52
CA VAL A 62 31.83 -8.96 18.23
C VAL A 62 32.44 -8.07 17.16
N LEU A 63 33.21 -8.67 16.26
CA LEU A 63 33.86 -7.91 15.20
C LEU A 63 33.31 -8.19 13.82
N SER A 64 33.13 -7.13 13.05
CA SER A 64 32.92 -7.23 11.61
C SER A 64 34.26 -7.47 10.90
N ALA A 65 34.25 -7.56 9.58
CA ALA A 65 35.48 -7.64 8.80
C ALA A 65 36.14 -6.27 8.75
N MET A 66 37.45 -6.23 8.45
CA MET A 66 38.18 -4.96 8.38
C MET A 66 37.63 -4.07 7.26
N GLY A 67 37.09 -2.93 7.67
CA GLY A 67 36.34 -2.01 6.81
C GLY A 67 36.43 -2.22 5.31
N LYS A 68 35.33 -2.68 4.74
CA LYS A 68 35.19 -2.85 3.29
C LYS A 68 35.83 -4.11 2.70
N THR A 69 36.42 -4.97 3.55
CA THR A 69 36.93 -6.23 3.04
C THR A 69 35.79 -7.15 2.64
N THR A 70 34.69 -7.12 3.40
CA THR A 70 33.49 -7.90 3.03
C THR A 70 33.05 -7.58 1.61
N ASN A 71 32.93 -6.30 1.30
CA ASN A 71 32.55 -5.91 -0.05
C ASN A 71 33.61 -6.30 -1.07
N ASN A 72 34.87 -6.19 -0.67
CA ASN A 72 35.98 -6.51 -1.56
C ASN A 72 36.03 -7.99 -1.91
N LEU A 73 35.72 -8.84 -0.91
CA LEU A 73 35.63 -10.29 -1.11
C LEU A 73 34.56 -10.63 -2.16
N LEU A 74 33.34 -10.11 -1.97
CA LEU A 74 32.25 -10.28 -2.92
C LEU A 74 32.60 -9.77 -4.30
N LEU A 75 33.25 -8.61 -4.36
CA LEU A 75 33.70 -8.06 -5.64
C LEU A 75 34.72 -8.98 -6.32
N ALA A 76 35.65 -9.49 -5.52
CA ALA A 76 36.65 -10.47 -5.99
C ALA A 76 35.99 -11.74 -6.53
N GLY A 77 34.89 -12.13 -5.89
CA GLY A 77 34.08 -13.27 -6.33
C GLY A 77 33.54 -13.06 -7.73
N GLU A 78 32.76 -12.00 -7.92
CA GLU A 78 32.20 -11.66 -9.22
C GLU A 78 33.25 -11.62 -10.33
N LYS A 79 34.40 -11.02 -10.04
CA LYS A 79 35.47 -10.87 -11.03
C LYS A 79 36.08 -12.20 -11.41
N ALA A 80 36.27 -13.06 -10.41
CA ALA A 80 36.80 -14.41 -10.62
C ALA A 80 35.97 -15.23 -11.62
N VAL A 81 34.64 -15.07 -11.57
CA VAL A 81 33.73 -15.81 -12.44
C VAL A 81 34.10 -15.71 -13.92
N SER A 82 34.68 -14.58 -14.32
CA SER A 82 34.93 -14.32 -15.73
C SER A 82 36.26 -13.67 -16.10
N CYS A 83 37.31 -13.88 -15.30
CA CYS A 83 38.62 -13.34 -15.65
C CYS A 83 39.61 -14.38 -16.20
N GLY A 84 39.28 -15.66 -16.04
CA GLY A 84 40.19 -16.74 -16.43
C GLY A 84 41.05 -17.17 -15.25
N VAL A 85 41.60 -18.38 -15.33
CA VAL A 85 42.34 -18.98 -14.21
C VAL A 85 43.67 -18.29 -13.94
N SER A 86 44.47 -18.13 -15.00
CA SER A 86 45.81 -17.54 -14.90
C SER A 86 45.77 -16.14 -14.28
N ASN A 87 44.62 -15.46 -14.45
CA ASN A 87 44.44 -14.07 -14.04
C ASN A 87 43.95 -13.85 -12.61
N ALA A 88 43.46 -14.92 -11.99
CA ALA A 88 42.86 -14.86 -10.65
C ALA A 88 43.79 -14.28 -9.58
N SER A 89 45.08 -14.59 -9.71
CA SER A 89 46.11 -14.10 -8.79
C SER A 89 46.27 -12.58 -8.86
N GLU A 90 45.73 -11.97 -9.93
CA GLU A 90 45.88 -10.54 -10.20
C GLU A 90 44.62 -9.71 -9.95
N ILE A 91 43.59 -10.32 -9.35
CA ILE A 91 42.35 -9.61 -9.05
C ILE A 91 42.62 -8.43 -8.11
N GLU A 92 42.27 -7.24 -8.57
CA GLU A 92 42.45 -5.99 -7.84
C GLU A 92 42.04 -6.08 -6.37
N GLU A 93 40.83 -6.57 -6.13
CA GLU A 93 40.31 -6.70 -4.77
C GLU A 93 41.11 -7.69 -3.92
N LEU A 94 41.59 -8.77 -4.54
CA LEU A 94 42.44 -9.74 -3.85
C LEU A 94 43.77 -9.13 -3.42
N SER A 95 44.38 -8.32 -4.29
CA SER A 95 45.60 -7.60 -3.96
C SER A 95 45.39 -6.62 -2.80
N ILE A 96 44.22 -5.99 -2.76
CA ILE A 96 43.88 -5.05 -1.70
C ILE A 96 43.74 -5.77 -0.37
N ILE A 97 42.98 -6.85 -0.35
CA ILE A 97 42.73 -7.61 0.87
C ILE A 97 44.02 -8.22 1.41
N LYS A 98 44.83 -8.79 0.51
CA LYS A 98 46.14 -9.33 0.89
C LYS A 98 47.01 -8.31 1.62
N GLU A 99 47.18 -7.13 1.02
CA GLU A 99 48.09 -6.15 1.59
C GLU A 99 47.56 -5.48 2.87
N LEU A 100 46.25 -5.27 2.96
CA LEU A 100 45.66 -4.66 4.16
C LEU A 100 45.99 -5.51 5.38
N HIS A 101 45.79 -6.83 5.26
CA HIS A 101 45.95 -7.74 6.38
C HIS A 101 47.41 -8.05 6.69
N ILE A 102 48.22 -8.18 5.65
CA ILE A 102 49.67 -8.33 5.80
C ILE A 102 50.27 -7.11 6.51
N ARG A 103 49.85 -5.91 6.09
CA ARG A 103 50.32 -4.66 6.68
C ARG A 103 49.83 -4.43 8.12
N THR A 104 48.59 -4.82 8.39
CA THR A 104 48.00 -4.69 9.72
C THR A 104 48.75 -5.56 10.73
N VAL A 105 49.08 -6.78 10.31
CA VAL A 105 49.90 -7.69 11.09
C VAL A 105 51.27 -7.06 11.38
N LYS A 106 51.87 -6.44 10.36
CA LYS A 106 53.16 -5.78 10.46
C LYS A 106 53.12 -4.74 11.58
N GLU A 107 52.13 -3.85 11.53
CA GLU A 107 52.03 -2.74 12.45
C GLU A 107 51.65 -3.15 13.87
N LEU A 108 50.78 -4.14 14.00
CA LEU A 108 50.37 -4.57 15.32
C LEU A 108 51.43 -5.49 15.93
N ASN A 109 52.44 -5.80 15.11
CA ASN A 109 53.59 -6.60 15.53
C ASN A 109 53.21 -8.01 16.00
N ILE A 110 52.41 -8.69 15.17
CA ILE A 110 51.95 -10.06 15.44
C ILE A 110 52.64 -11.05 14.51
N ASP A 111 52.68 -12.31 14.95
CA ASP A 111 53.15 -13.42 14.12
C ASP A 111 52.25 -13.58 12.88
N PRO A 112 52.84 -13.41 11.68
CA PRO A 112 52.04 -13.36 10.45
C PRO A 112 51.53 -14.72 9.97
N SER A 113 51.94 -15.80 10.65
CA SER A 113 51.64 -17.16 10.19
C SER A 113 50.16 -17.42 9.93
N VAL A 114 49.35 -17.29 10.97
CA VAL A 114 47.93 -17.63 10.89
C VAL A 114 47.26 -16.89 9.75
N ILE A 115 47.48 -15.58 9.70
CA ILE A 115 46.92 -14.73 8.63
C ILE A 115 47.35 -15.18 7.23
N LEU A 116 48.65 -15.51 7.08
CA LEU A 116 49.20 -15.91 5.79
C LEU A 116 48.54 -17.18 5.25
N THR A 117 48.22 -18.11 6.13
CA THR A 117 47.54 -19.34 5.75
C THR A 117 46.15 -19.03 5.19
N TYR A 118 45.44 -18.12 5.87
CA TYR A 118 44.09 -17.77 5.47
C TYR A 118 44.04 -17.04 4.13
N LEU A 119 45.07 -16.24 3.84
CA LEU A 119 45.17 -15.52 2.58
C LEU A 119 45.50 -16.47 1.43
N GLU A 120 46.36 -17.44 1.70
CA GLU A 120 46.65 -18.52 0.76
C GLU A 120 45.35 -19.18 0.31
N GLU A 121 44.57 -19.63 1.29
CA GLU A 121 43.25 -20.21 1.07
C GLU A 121 42.35 -19.33 0.19
N LEU A 122 42.22 -18.05 0.56
CA LEU A 122 41.40 -17.10 -0.18
C LEU A 122 41.75 -17.07 -1.67
N GLU A 123 43.04 -16.95 -1.96
CA GLU A 123 43.53 -16.98 -3.34
C GLU A 123 43.22 -18.31 -4.02
N GLN A 124 43.36 -19.40 -3.26
CA GLN A 124 43.03 -20.73 -3.77
C GLN A 124 41.54 -20.86 -4.12
N LEU A 125 40.68 -20.32 -3.24
CA LEU A 125 39.23 -20.37 -3.46
C LEU A 125 38.83 -19.59 -4.71
N LEU A 126 39.43 -18.42 -4.89
CA LEU A 126 39.16 -17.59 -6.05
C LEU A 126 39.68 -18.25 -7.33
N LYS A 127 40.82 -18.92 -7.21
CA LYS A 127 41.38 -19.70 -8.31
C LYS A 127 40.38 -20.78 -8.72
N GLY A 128 39.70 -21.35 -7.73
CA GLY A 128 38.63 -22.32 -7.95
C GLY A 128 37.45 -21.73 -8.71
N ILE A 129 36.91 -20.63 -8.18
CA ILE A 129 35.82 -19.89 -8.84
C ILE A 129 36.19 -19.52 -10.28
N ALA A 130 37.43 -19.07 -10.48
CA ALA A 130 37.93 -18.68 -11.80
C ALA A 130 37.91 -19.82 -12.81
N MET A 131 38.36 -21.00 -12.36
CA MET A 131 38.36 -22.22 -13.19
C MET A 131 36.96 -22.67 -13.57
N MET A 132 36.06 -22.65 -12.58
CA MET A 132 34.73 -23.24 -12.72
C MET A 132 33.71 -22.28 -13.34
N LYS A 133 34.01 -20.99 -13.31
CA LYS A 133 33.11 -19.91 -13.80
C LYS A 133 31.71 -19.94 -13.15
N GLU A 134 31.66 -20.35 -11.89
CA GLU A 134 30.40 -20.53 -11.14
C GLU A 134 30.56 -20.05 -9.69
N LEU A 135 29.61 -19.23 -9.25
CA LEU A 135 29.61 -18.72 -7.89
C LEU A 135 28.24 -18.94 -7.23
N THR A 136 28.11 -20.05 -6.50
CA THR A 136 26.88 -20.38 -5.81
C THR A 136 26.78 -19.57 -4.53
N LEU A 137 25.56 -19.42 -4.01
CA LEU A 137 25.32 -18.73 -2.73
C LEU A 137 26.01 -19.45 -1.57
N ARG A 138 26.17 -20.78 -1.68
CA ARG A 138 26.94 -21.55 -0.72
C ARG A 138 28.42 -21.09 -0.70
N THR A 139 29.00 -20.89 -1.89
CA THR A 139 30.39 -20.45 -2.00
C THR A 139 30.51 -19.01 -1.53
N ARG A 140 29.54 -18.20 -1.94
CA ARG A 140 29.48 -16.78 -1.59
C ARG A 140 29.58 -16.59 -0.08
N ASP A 141 28.87 -17.43 0.68
CA ASP A 141 28.96 -17.41 2.14
C ASP A 141 30.34 -17.78 2.67
N TYR A 142 30.96 -18.79 2.04
CA TYR A 142 32.30 -19.22 2.44
C TYR A 142 33.30 -18.10 2.16
N LEU A 143 33.22 -17.53 0.96
CA LEU A 143 34.08 -16.43 0.52
C LEU A 143 34.09 -15.29 1.55
N VAL A 144 32.92 -14.73 1.86
CA VAL A 144 32.85 -13.60 2.79
C VAL A 144 33.26 -13.95 4.23
N SER A 145 33.22 -15.25 4.59
CA SER A 145 33.57 -15.68 5.94
C SER A 145 35.02 -15.36 6.28
N PHE A 146 35.86 -15.30 5.25
CA PHE A 146 37.27 -14.94 5.41
C PHE A 146 37.44 -13.58 6.07
N GLY A 147 36.52 -12.67 5.75
CA GLY A 147 36.56 -11.32 6.30
C GLY A 147 36.66 -11.30 7.81
N GLU A 148 35.62 -11.80 8.47
CA GLU A 148 35.57 -11.83 9.93
C GLU A 148 36.56 -12.81 10.53
N CYS A 149 36.87 -13.86 9.78
CA CYS A 149 37.86 -14.84 10.23
C CYS A 149 39.25 -14.21 10.35
N LEU A 150 39.59 -13.37 9.39
CA LEU A 150 40.82 -12.60 9.44
C LEU A 150 40.73 -11.57 10.55
N SER A 151 39.69 -10.74 10.47
CA SER A 151 39.47 -9.64 11.40
C SER A 151 39.65 -10.03 12.86
N THR A 152 38.85 -11.00 13.32
CA THR A 152 38.92 -11.45 14.71
C THR A 152 40.30 -11.96 15.13
N ARG A 153 40.93 -12.75 14.26
CA ARG A 153 42.24 -13.36 14.56
C ARG A 153 43.36 -12.33 14.73
N ILE A 154 43.36 -11.29 13.91
CA ILE A 154 44.30 -10.20 14.06
C ILE A 154 44.09 -9.52 15.41
N PHE A 155 42.85 -9.15 15.70
CA PHE A 155 42.56 -8.42 16.93
C PHE A 155 42.85 -9.25 18.18
N ALA A 156 42.47 -10.53 18.16
CA ALA A 156 42.70 -11.42 19.29
C ALA A 156 44.19 -11.55 19.60
N ALA A 157 44.97 -11.82 18.56
CA ALA A 157 46.42 -11.90 18.68
C ALA A 157 47.01 -10.61 19.23
N TYR A 158 46.51 -9.47 18.75
CA TYR A 158 47.00 -8.16 19.20
C TYR A 158 46.73 -7.91 20.69
N LEU A 159 45.53 -8.22 21.16
CA LEU A 159 45.22 -8.09 22.58
C LEU A 159 46.22 -8.86 23.47
N ASN A 160 46.52 -10.11 23.10
CA ASN A 160 47.49 -10.96 23.80
C ASN A 160 48.91 -10.39 23.75
N THR A 161 49.20 -9.64 22.69
CA THR A 161 50.47 -8.94 22.55
C THR A 161 50.64 -7.90 23.65
N ILE A 162 49.55 -7.22 24.01
CA ILE A 162 49.60 -6.05 24.88
C ILE A 162 49.13 -6.31 26.33
N GLY A 163 49.00 -7.57 26.71
CA GLY A 163 48.64 -7.95 28.08
C GLY A 163 47.18 -8.21 28.37
N VAL A 164 46.38 -8.36 27.32
CA VAL A 164 44.95 -8.68 27.45
C VAL A 164 44.73 -10.11 26.99
N LYS A 165 44.51 -11.01 27.95
CA LYS A 165 44.22 -12.41 27.63
C LYS A 165 42.92 -12.49 26.84
N ALA A 166 43.01 -13.05 25.63
CA ALA A 166 41.91 -13.06 24.68
C ALA A 166 41.88 -14.33 23.81
N ARG A 167 40.67 -14.76 23.48
CA ARG A 167 40.45 -15.97 22.68
C ARG A 167 39.52 -15.66 21.52
N GLN A 168 39.98 -15.94 20.30
CA GLN A 168 39.17 -15.67 19.12
C GLN A 168 38.21 -16.83 18.88
N TYR A 169 36.99 -16.49 18.49
CA TYR A 169 35.97 -17.50 18.24
C TYR A 169 35.39 -17.36 16.84
N ASP A 170 35.41 -18.44 16.09
CA ASP A 170 34.61 -18.53 14.88
C ASP A 170 33.19 -18.87 15.33
N ALA A 171 32.23 -18.01 14.99
CA ALA A 171 30.84 -18.19 15.37
C ALA A 171 30.30 -19.55 14.97
N PHE A 172 30.68 -20.02 13.79
CA PHE A 172 30.18 -21.28 13.25
C PHE A 172 30.73 -22.51 13.99
N GLU A 173 31.79 -22.30 14.77
CA GLU A 173 32.42 -23.38 15.53
C GLU A 173 31.97 -23.42 17.00
N ILE A 174 31.25 -22.39 17.45
CA ILE A 174 30.83 -22.31 18.86
C ILE A 174 29.33 -22.53 19.14
N GLY A 175 28.58 -22.86 18.09
CA GLY A 175 27.17 -23.14 18.28
C GLY A 175 26.20 -22.09 17.77
N PHE A 176 26.61 -21.32 16.77
CA PHE A 176 25.67 -20.53 15.99
C PHE A 176 25.07 -21.48 14.96
N ILE A 177 23.87 -21.99 15.28
CA ILE A 177 23.20 -22.98 14.44
C ILE A 177 22.13 -22.31 13.57
N THR A 178 22.13 -22.65 12.29
CA THR A 178 21.42 -21.88 11.27
C THR A 178 20.73 -22.74 10.22
N THR A 179 19.71 -22.18 9.56
CA THR A 179 19.09 -22.82 8.38
C THR A 179 20.07 -22.81 7.21
N ASP A 180 19.83 -23.67 6.23
CA ASP A 180 20.80 -23.86 5.15
C ASP A 180 20.52 -23.01 3.91
N ASP A 181 19.81 -21.89 4.08
CA ASP A 181 19.70 -20.90 2.99
C ASP A 181 20.78 -19.85 3.19
N PHE A 182 21.61 -19.66 2.17
CA PHE A 182 22.93 -19.09 2.37
C PHE A 182 23.05 -17.57 2.57
N THR A 183 22.59 -16.79 1.60
CA THR A 183 22.64 -15.34 1.75
C THR A 183 21.89 -14.90 3.01
N ASN A 184 20.96 -15.72 3.47
CA ASN A 184 20.06 -15.35 4.57
C ASN A 184 19.84 -16.45 5.64
N GLY A 185 20.94 -16.93 6.23
CA GLY A 185 20.87 -17.93 7.29
C GLY A 185 20.12 -17.53 8.54
N ASP A 186 19.08 -18.28 8.87
CA ASP A 186 18.23 -17.98 10.02
C ASP A 186 18.72 -18.67 11.29
N ILE A 187 18.85 -17.91 12.37
CA ILE A 187 19.29 -18.47 13.65
C ILE A 187 18.22 -19.38 14.28
N LEU A 188 18.60 -20.62 14.56
CA LEU A 188 17.70 -21.62 15.15
C LEU A 188 17.77 -21.65 16.68
N GLU A 189 16.65 -21.98 17.33
CA GLU A 189 16.52 -21.91 18.79
C GLU A 189 17.59 -22.65 19.60
N ALA A 190 18.19 -23.68 19.00
CA ALA A 190 19.23 -24.48 19.66
C ALA A 190 20.54 -23.71 19.89
N THR A 191 20.63 -22.53 19.27
CA THR A 191 21.82 -21.67 19.34
C THR A 191 22.07 -21.14 20.76
N TYR A 192 21.02 -20.68 21.42
CA TYR A 192 21.17 -20.06 22.76
C TYR A 192 21.79 -20.99 23.82
N PRO A 193 21.25 -22.21 23.99
CA PRO A 193 21.87 -23.14 24.94
C PRO A 193 23.29 -23.60 24.55
N ALA A 194 23.52 -23.80 23.24
CA ALA A 194 24.81 -24.26 22.73
C ALA A 194 25.92 -23.23 22.95
N VAL A 195 25.60 -21.97 22.70
CA VAL A 195 26.56 -20.88 22.79
C VAL A 195 26.89 -20.53 24.24
N ALA A 196 25.86 -20.44 25.09
CA ALA A 196 26.04 -20.18 26.52
C ALA A 196 26.95 -21.22 27.17
N LYS A 197 26.74 -22.48 26.79
CA LYS A 197 27.50 -23.61 27.32
C LYS A 197 28.96 -23.58 26.88
N ARG A 198 29.19 -23.28 25.61
CA ARG A 198 30.54 -23.24 25.05
C ARG A 198 31.34 -22.04 25.56
N LEU A 199 30.67 -20.88 25.66
CA LEU A 199 31.33 -19.66 26.13
C LEU A 199 31.57 -19.66 27.64
N TYR A 200 30.74 -20.40 28.38
CA TYR A 200 30.94 -20.51 29.83
C TYR A 200 31.98 -21.54 30.27
N ASP A 201 32.01 -22.69 29.60
CA ASP A 201 33.03 -23.70 29.85
C ASP A 201 34.44 -23.15 29.66
N ASP A 202 34.60 -22.31 28.63
CA ASP A 202 35.90 -21.71 28.31
C ASP A 202 36.30 -20.61 29.31
N TRP A 203 35.33 -19.83 29.78
CA TRP A 203 35.59 -18.72 30.68
C TRP A 203 35.93 -19.18 32.10
N MET A 204 35.24 -20.22 32.55
CA MET A 204 35.46 -20.76 33.89
C MET A 204 36.80 -21.49 33.96
N HIS A 205 37.12 -22.26 32.91
CA HIS A 205 38.43 -22.93 32.82
C HIS A 205 39.57 -21.91 32.92
N ASP A 206 39.59 -20.94 32.02
CA ASP A 206 40.45 -19.74 32.15
C ASP A 206 39.88 -18.52 31.43
N PRO A 207 39.56 -17.45 32.19
CA PRO A 207 38.92 -16.24 31.65
C PRO A 207 39.78 -15.47 30.64
N ALA A 208 39.25 -15.33 29.43
CA ALA A 208 39.84 -14.52 28.38
C ALA A 208 38.73 -13.76 27.68
N VAL A 209 39.04 -12.57 27.15
CA VAL A 209 38.05 -11.77 26.43
C VAL A 209 37.71 -12.41 25.08
N PRO A 210 36.47 -12.92 24.92
CA PRO A 210 36.06 -13.56 23.68
C PRO A 210 35.95 -12.58 22.51
N ILE A 211 36.52 -12.96 21.37
CA ILE A 211 36.47 -12.15 20.16
C ILE A 211 35.77 -12.97 19.08
N VAL A 212 34.49 -12.68 18.86
CA VAL A 212 33.64 -13.50 17.98
C VAL A 212 33.38 -12.86 16.61
N THR A 213 33.47 -13.68 15.56
CA THR A 213 33.10 -13.31 14.19
C THR A 213 31.60 -12.97 14.16
N GLY A 214 31.24 -11.97 13.37
CA GLY A 214 29.92 -11.37 13.51
C GLY A 214 28.86 -11.81 12.53
N PHE A 215 29.26 -12.11 11.31
CA PHE A 215 28.28 -12.21 10.23
C PHE A 215 27.94 -13.69 9.97
N LEU A 216 28.38 -14.57 10.85
CA LEU A 216 28.51 -15.99 10.51
C LEU A 216 27.74 -17.00 11.35
N GLY A 217 27.40 -18.12 10.72
CA GLY A 217 26.74 -19.26 11.36
C GLY A 217 27.03 -20.56 10.64
N LYS A 218 26.52 -21.66 11.19
CA LYS A 218 26.71 -22.99 10.61
C LYS A 218 25.36 -23.63 10.29
N GLY A 219 25.21 -24.09 9.04
CA GLY A 219 23.99 -24.76 8.60
C GLY A 219 23.72 -26.03 9.37
N TRP A 220 22.44 -26.31 9.65
CA TRP A 220 22.03 -27.48 10.42
C TRP A 220 22.38 -28.79 9.70
N LYS A 221 21.98 -28.90 8.43
CA LYS A 221 22.16 -30.17 7.70
C LYS A 221 23.27 -30.18 6.64
N THR A 222 23.90 -29.03 6.40
CA THR A 222 25.06 -28.97 5.51
C THR A 222 26.36 -28.95 6.30
N GLY A 223 26.29 -28.42 7.52
CA GLY A 223 27.47 -28.17 8.35
C GLY A 223 28.34 -27.07 7.78
N ALA A 224 27.84 -26.39 6.75
CA ALA A 224 28.61 -25.40 5.98
C ALA A 224 28.47 -23.97 6.53
N VAL A 225 29.50 -23.16 6.29
CA VAL A 225 29.56 -21.79 6.79
C VAL A 225 28.42 -20.95 6.21
N THR A 226 27.81 -20.16 7.07
CA THR A 226 26.62 -19.39 6.71
C THR A 226 26.72 -17.94 7.18
N THR A 227 26.18 -17.01 6.38
CA THR A 227 26.05 -15.61 6.81
C THR A 227 24.62 -15.31 7.25
N LEU A 228 24.48 -14.42 8.23
CA LEU A 228 23.19 -14.19 8.89
C LEU A 228 22.25 -13.23 8.17
N GLY A 229 22.60 -12.84 6.94
CA GLY A 229 21.80 -11.91 6.15
C GLY A 229 21.85 -10.51 6.72
N ARG A 230 20.86 -9.69 6.39
CA ARG A 230 20.69 -8.38 7.04
C ARG A 230 20.66 -8.61 8.55
N GLY A 231 21.02 -7.60 9.31
CA GLY A 231 21.13 -7.79 10.75
C GLY A 231 22.56 -8.09 11.11
N GLY A 232 23.23 -8.89 10.27
CA GLY A 232 24.67 -9.06 10.29
C GLY A 232 25.28 -9.21 11.67
N SER A 233 26.37 -8.48 11.91
CA SER A 233 27.09 -8.57 13.17
C SER A 233 26.27 -8.08 14.36
N ASP A 234 25.36 -7.13 14.12
CA ASP A 234 24.45 -6.67 15.17
C ASP A 234 23.68 -7.85 15.75
N LEU A 235 23.13 -8.69 14.87
CA LEU A 235 22.40 -9.89 15.28
C LEU A 235 23.23 -10.82 16.17
N THR A 236 24.48 -11.02 15.77
CA THR A 236 25.43 -11.82 16.55
C THR A 236 25.54 -11.28 17.97
N ALA A 237 25.65 -9.96 18.08
CA ALA A 237 25.78 -9.31 19.38
C ALA A 237 24.55 -9.54 20.27
N THR A 238 23.35 -9.34 19.70
CA THR A 238 22.11 -9.51 20.46
C THR A 238 21.82 -10.97 20.80
N THR A 239 22.14 -11.87 19.86
CA THR A 239 22.05 -13.31 20.09
C THR A 239 22.86 -13.71 21.32
N ILE A 240 24.16 -13.40 21.30
CA ILE A 240 25.04 -13.63 22.45
C ILE A 240 24.47 -13.02 23.74
N GLY A 241 23.90 -11.83 23.63
CA GLY A 241 23.24 -11.15 24.74
C GLY A 241 22.16 -12.00 25.39
N LYS A 242 21.21 -12.47 24.57
CA LYS A 242 20.10 -13.32 25.04
C LYS A 242 20.62 -14.65 25.60
N ALA A 243 21.59 -15.24 24.91
CA ALA A 243 22.16 -16.53 25.31
C ALA A 243 22.84 -16.48 26.67
N LEU A 244 23.42 -15.33 26.99
CA LEU A 244 24.17 -15.17 28.24
C LEU A 244 23.43 -14.30 29.26
N GLY A 245 22.21 -13.87 28.92
CA GLY A 245 21.38 -13.06 29.80
C GLY A 245 22.07 -11.83 30.38
N LEU A 246 22.81 -11.10 29.54
CA LEU A 246 23.60 -9.96 30.00
C LEU A 246 22.75 -8.72 30.29
N LYS A 247 23.35 -7.73 30.95
CA LYS A 247 22.63 -6.50 31.33
C LYS A 247 22.24 -5.65 30.14
N GLU A 248 23.16 -5.48 29.19
CA GLU A 248 22.90 -4.74 27.94
C GLU A 248 23.76 -5.19 26.76
N ILE A 249 23.27 -4.89 25.55
CA ILE A 249 24.02 -5.10 24.32
C ILE A 249 24.42 -3.74 23.77
N GLN A 250 25.72 -3.55 23.53
CA GLN A 250 26.25 -2.28 23.07
C GLN A 250 26.65 -2.33 21.61
N VAL A 251 26.20 -1.34 20.84
CA VAL A 251 26.59 -1.22 19.43
C VAL A 251 27.40 0.07 19.27
N TRP A 252 28.62 -0.05 18.78
CA TRP A 252 29.53 1.09 18.68
C TRP A 252 29.52 1.80 17.32
N LYS A 253 29.54 3.13 17.37
CA LYS A 253 29.57 4.00 16.19
C LYS A 253 30.55 5.16 16.42
N ASP A 254 30.70 6.02 15.40
CA ASP A 254 31.62 7.16 15.48
C ASP A 254 30.93 8.49 15.84
N VAL A 255 29.63 8.43 16.10
CA VAL A 255 28.83 9.61 16.48
C VAL A 255 28.05 9.32 17.76
N ASP A 256 27.41 10.35 18.34
CA ASP A 256 26.72 10.19 19.62
C ASP A 256 25.35 9.49 19.52
N GLY A 257 25.38 8.21 19.15
CA GLY A 257 24.18 7.37 19.09
C GLY A 257 23.36 7.53 17.82
N VAL A 258 22.04 7.58 17.99
CA VAL A 258 21.11 7.89 16.92
C VAL A 258 20.82 9.39 16.99
N LEU A 259 20.87 10.05 15.84
CA LEU A 259 20.73 11.51 15.79
C LEU A 259 19.40 11.92 15.20
N THR A 260 19.07 13.21 15.32
CA THR A 260 17.78 13.73 14.85
C THR A 260 17.68 13.74 13.34
N CYS A 261 18.83 13.57 12.67
CA CYS A 261 18.90 13.33 11.22
C CYS A 261 20.33 12.93 10.88
N ASP A 262 20.62 12.73 9.59
CA ASP A 262 21.97 12.38 9.15
C ASP A 262 22.87 13.64 9.07
N PRO A 263 23.92 13.71 9.89
CA PRO A 263 24.85 14.85 9.93
C PRO A 263 25.55 15.13 8.60
N THR A 264 25.65 14.10 7.76
CA THR A 264 26.17 14.24 6.40
C THR A 264 25.29 15.17 5.58
N ILE A 265 24.03 15.27 5.97
CA ILE A 265 23.01 16.02 5.22
C ILE A 265 22.83 17.41 5.82
N TYR A 266 22.84 17.47 7.16
CA TYR A 266 22.68 18.72 7.89
C TYR A 266 23.48 18.64 9.19
N LYS A 267 24.43 19.56 9.36
CA LYS A 267 25.41 19.50 10.45
C LYS A 267 24.81 19.49 11.87
N ARG A 268 23.58 20.01 11.98
CA ARG A 268 22.94 20.25 13.28
C ARG A 268 22.27 19.05 13.91
N ALA A 269 22.49 17.86 13.33
CA ALA A 269 21.97 16.62 13.91
C ALA A 269 22.32 16.52 15.40
N THR A 270 21.34 16.19 16.22
CA THR A 270 21.50 16.15 17.68
C THR A 270 21.24 14.73 18.20
N PRO A 271 21.93 14.31 19.27
CA PRO A 271 21.68 12.99 19.88
C PRO A 271 20.22 12.77 20.30
N VAL A 272 19.71 11.57 20.03
CA VAL A 272 18.40 11.14 20.50
C VAL A 272 18.60 10.17 21.68
N PRO A 273 18.57 10.71 22.93
CA PRO A 273 18.96 9.97 24.15
C PRO A 273 18.23 8.66 24.38
N TYR A 274 16.92 8.63 24.14
CA TYR A 274 16.11 7.44 24.40
C TYR A 274 15.28 7.03 23.20
N LEU A 275 15.20 5.72 22.99
CA LEU A 275 14.46 5.17 21.86
C LEU A 275 13.70 3.92 22.28
N THR A 276 12.62 3.63 21.56
CA THR A 276 11.82 2.45 21.79
C THR A 276 12.20 1.40 20.74
N PHE A 277 12.16 0.13 21.11
CA PHE A 277 12.40 -0.96 20.15
C PHE A 277 11.56 -0.84 18.89
N ASP A 278 10.34 -0.31 19.03
CA ASP A 278 9.46 -0.04 17.90
C ASP A 278 9.93 1.16 17.09
N GLU A 279 10.38 2.20 17.79
CA GLU A 279 10.91 3.37 17.13
C GLU A 279 12.16 2.98 16.37
N ALA A 280 13.04 2.24 17.04
CA ALA A 280 14.29 1.78 16.44
C ALA A 280 14.05 0.97 15.16
N ALA A 281 13.03 0.13 15.17
CA ALA A 281 12.69 -0.73 14.03
C ALA A 281 12.30 0.08 12.80
N GLU A 282 11.89 1.33 13.01
CA GLU A 282 11.47 2.22 11.94
C GLU A 282 12.54 3.25 11.60
N LEU A 283 13.63 3.24 12.36
CA LEU A 283 14.59 4.34 12.36
C LEU A 283 16.04 3.93 12.20
N ALA A 284 16.50 3.00 13.04
CA ALA A 284 17.93 2.69 13.17
C ALA A 284 18.66 2.24 11.90
N TYR A 285 17.97 1.51 11.03
CA TYR A 285 18.63 0.94 9.84
C TYR A 285 18.92 1.98 8.76
N PHE A 286 17.95 2.87 8.53
CA PHE A 286 18.10 3.93 7.52
C PHE A 286 18.59 5.26 8.10
N GLY A 287 18.33 5.51 9.38
CA GLY A 287 18.71 6.76 10.04
C GLY A 287 20.16 6.74 10.48
N ALA A 288 20.50 5.77 11.31
CA ALA A 288 21.89 5.34 11.49
C ALA A 288 22.14 4.26 10.44
N GLN A 289 23.28 3.58 10.49
CA GLN A 289 23.49 2.44 9.59
C GLN A 289 23.66 1.17 10.40
N VAL A 290 22.78 1.00 11.39
CA VAL A 290 22.89 -0.11 12.35
C VAL A 290 21.53 -0.71 12.72
N LEU A 291 21.58 -1.89 13.33
CA LEU A 291 20.41 -2.52 13.94
C LEU A 291 19.22 -2.66 13.00
N HIS A 292 19.39 -3.50 11.98
CA HIS A 292 18.28 -3.93 11.14
C HIS A 292 17.23 -4.53 12.08
N PRO A 293 15.93 -4.31 11.79
CA PRO A 293 14.86 -4.78 12.68
C PRO A 293 14.99 -6.22 13.14
N GLN A 294 15.46 -7.08 12.23
CA GLN A 294 15.60 -8.50 12.49
C GLN A 294 16.68 -8.80 13.53
N SER A 295 17.59 -7.85 13.72
CA SER A 295 18.69 -8.02 14.66
C SER A 295 18.30 -7.70 16.11
N MET A 296 17.19 -6.99 16.28
CA MET A 296 16.77 -6.59 17.62
C MET A 296 15.85 -7.60 18.30
N ARG A 297 15.35 -8.55 17.52
CA ARG A 297 14.44 -9.57 18.03
C ARG A 297 14.96 -10.36 19.23
N PRO A 298 16.21 -10.89 19.17
CA PRO A 298 16.74 -11.60 20.35
C PRO A 298 16.82 -10.72 21.60
N ALA A 299 17.02 -9.42 21.43
CA ALA A 299 17.07 -8.49 22.55
C ALA A 299 15.67 -8.16 23.05
N ARG A 300 14.72 -8.10 22.12
CA ARG A 300 13.31 -7.85 22.46
C ARG A 300 12.78 -8.98 23.32
N GLU A 301 12.88 -10.22 22.83
CA GLU A 301 12.36 -11.39 23.54
C GLU A 301 13.18 -11.74 24.79
N GLY A 302 14.48 -11.46 24.75
CA GLY A 302 15.35 -11.63 25.91
C GLY A 302 15.22 -10.50 26.92
N GLU A 303 14.51 -9.44 26.52
CA GLU A 303 14.30 -8.23 27.34
C GLU A 303 15.60 -7.61 27.85
N ILE A 304 16.47 -7.27 26.90
CA ILE A 304 17.78 -6.69 27.17
C ILE A 304 17.90 -5.39 26.37
N PRO A 305 18.11 -4.25 27.07
CA PRO A 305 18.28 -2.97 26.39
C PRO A 305 19.49 -2.96 25.45
N VAL A 306 19.35 -2.29 24.31
CA VAL A 306 20.45 -2.11 23.37
C VAL A 306 20.96 -0.67 23.47
N ARG A 307 22.27 -0.50 23.53
CA ARG A 307 22.88 0.83 23.62
C ARG A 307 23.76 1.14 22.42
N VAL A 308 23.59 2.33 21.85
CA VAL A 308 24.42 2.77 20.76
C VAL A 308 25.37 3.85 21.26
N LYS A 309 26.67 3.55 21.21
CA LYS A 309 27.70 4.38 21.81
C LYS A 309 28.69 4.98 20.81
N ASN A 310 29.34 6.06 21.22
CA ASN A 310 30.33 6.76 20.42
C ASN A 310 31.75 6.39 20.86
N SER A 311 32.52 5.79 19.96
CA SER A 311 33.88 5.39 20.29
C SER A 311 34.77 6.60 20.60
N TYR A 312 34.39 7.75 20.06
CA TYR A 312 35.11 8.99 20.35
C TYR A 312 34.58 9.71 21.60
N ASN A 313 33.59 9.10 22.25
CA ASN A 313 32.95 9.70 23.41
C ASN A 313 32.39 8.61 24.33
N PRO A 314 33.27 7.73 24.84
CA PRO A 314 32.84 6.44 25.38
C PRO A 314 32.14 6.52 26.74
N LYS A 315 32.39 7.60 27.48
CA LYS A 315 31.80 7.79 28.80
C LYS A 315 30.39 8.38 28.72
N ALA A 316 29.98 8.75 27.51
CA ALA A 316 28.65 9.35 27.31
C ALA A 316 27.57 8.27 27.19
N PRO A 317 26.33 8.61 27.57
CA PRO A 317 25.18 7.70 27.49
C PRO A 317 24.85 7.19 26.08
N GLY A 318 24.86 8.09 25.09
CA GLY A 318 24.50 7.74 23.72
C GLY A 318 23.00 7.61 23.55
N THR A 319 22.56 6.43 23.12
CA THR A 319 21.15 6.14 22.91
C THR A 319 20.82 4.76 23.47
N ILE A 320 19.94 4.72 24.47
CA ILE A 320 19.46 3.44 25.02
C ILE A 320 18.14 3.09 24.37
N ILE A 321 18.10 1.92 23.74
CA ILE A 321 16.86 1.39 23.18
C ILE A 321 16.22 0.43 24.17
N THR A 322 15.00 0.77 24.60
CA THR A 322 14.26 -0.02 25.60
C THR A 322 12.85 -0.32 25.09
N LYS A 323 12.15 -1.22 25.81
CA LYS A 323 10.76 -1.59 25.51
C LYS A 323 9.86 -0.35 25.47
N THR A 324 9.95 0.47 26.53
CA THR A 324 9.15 1.68 26.66
C THR A 324 10.00 2.84 27.18
N ARG A 325 9.50 4.06 27.02
CA ARG A 325 10.20 5.26 27.49
C ARG A 325 9.22 6.39 27.83
N ASP A 326 9.70 7.36 28.61
CA ASP A 326 8.90 8.51 29.02
C ASP A 326 8.60 9.40 27.82
N MET A 327 7.34 9.39 27.39
CA MET A 327 6.95 10.07 26.15
C MET A 327 6.52 11.53 26.37
N THR A 328 6.41 11.94 27.64
CA THR A 328 6.23 13.36 27.98
C THR A 328 7.32 14.17 27.29
N LYS A 329 6.95 15.35 26.79
CA LYS A 329 7.91 16.21 26.08
C LYS A 329 8.46 15.61 24.76
N SER A 330 7.97 14.44 24.36
CA SER A 330 8.36 13.84 23.08
C SER A 330 7.39 14.20 21.95
N ILE A 331 7.90 14.86 20.92
CA ILE A 331 7.09 15.25 19.76
C ILE A 331 7.61 14.59 18.49
N LEU A 332 8.71 15.08 17.94
CA LEU A 332 9.35 14.39 16.81
C LEU A 332 10.63 13.74 17.31
N THR A 333 10.95 12.57 16.78
CA THR A 333 12.12 11.83 17.23
C THR A 333 13.33 12.03 16.30
N SER A 334 13.11 11.79 15.01
CA SER A 334 14.16 11.92 14.00
C SER A 334 13.55 12.04 12.60
N ILE A 335 14.36 12.54 11.67
CA ILE A 335 14.00 12.69 10.27
C ILE A 335 14.92 11.79 9.45
N VAL A 336 14.35 10.96 8.57
CA VAL A 336 15.14 10.03 7.78
C VAL A 336 15.06 10.35 6.29
N LEU A 337 16.18 10.25 5.59
CA LEU A 337 16.20 10.43 4.14
C LEU A 337 16.63 9.17 3.37
N LYS A 338 15.89 8.86 2.31
CA LYS A 338 16.25 7.83 1.36
C LYS A 338 16.49 8.53 0.04
N ARG A 339 17.74 8.52 -0.41
CA ARG A 339 18.15 9.14 -1.67
C ARG A 339 17.72 8.30 -2.86
N ASN A 340 17.56 8.94 -4.02
CA ASN A 340 17.40 8.26 -5.31
C ASN A 340 16.54 7.01 -5.33
N VAL A 341 15.23 7.18 -5.17
CA VAL A 341 14.32 6.05 -5.24
C VAL A 341 13.53 6.08 -6.55
N THR A 342 13.09 4.90 -6.96
CA THR A 342 12.30 4.75 -8.16
C THR A 342 10.86 4.47 -7.76
N MET A 343 9.94 5.28 -8.28
CA MET A 343 8.52 5.16 -7.96
C MET A 343 7.72 4.66 -9.15
N LEU A 344 6.78 3.76 -8.89
CA LEU A 344 5.87 3.24 -9.91
C LEU A 344 4.43 3.55 -9.60
N ASP A 345 3.67 3.90 -10.64
CA ASP A 345 2.23 4.15 -10.53
C ASP A 345 1.46 3.16 -11.40
N ILE A 346 0.47 2.50 -10.80
CA ILE A 346 -0.26 1.44 -11.48
C ILE A 346 -1.76 1.75 -11.40
N ALA A 347 -2.34 2.26 -12.49
CA ALA A 347 -3.73 2.69 -12.50
C ALA A 347 -4.65 1.81 -13.34
N SER A 348 -5.77 1.40 -12.75
CA SER A 348 -6.81 0.67 -13.48
C SER A 348 -8.19 0.92 -12.87
N THR A 349 -9.19 1.13 -13.72
CA THR A 349 -10.57 1.32 -13.25
C THR A 349 -11.18 0.02 -12.71
N ARG A 350 -10.57 -1.11 -13.08
CA ARG A 350 -11.08 -2.44 -12.76
C ARG A 350 -10.81 -2.90 -11.32
N MET A 351 -9.81 -2.31 -10.68
CA MET A 351 -9.43 -2.74 -9.33
C MET A 351 -10.42 -2.36 -8.23
N LEU A 352 -11.23 -1.32 -8.48
CA LEU A 352 -12.23 -0.88 -7.51
C LEU A 352 -13.36 -1.91 -7.41
N GLY A 353 -13.31 -2.72 -6.36
CA GLY A 353 -14.28 -3.78 -6.15
C GLY A 353 -13.88 -5.15 -6.70
N GLN A 354 -12.62 -5.31 -7.10
CA GLN A 354 -12.13 -6.59 -7.61
C GLN A 354 -11.27 -7.31 -6.58
N VAL A 355 -11.48 -8.61 -6.45
CA VAL A 355 -10.61 -9.46 -5.64
C VAL A 355 -9.39 -9.83 -6.49
N GLY A 356 -8.20 -9.65 -5.94
CA GLY A 356 -6.97 -10.20 -6.56
C GLY A 356 -6.14 -9.31 -7.46
N PHE A 357 -6.42 -8.01 -7.51
CA PHE A 357 -5.57 -7.08 -8.27
C PHE A 357 -4.25 -6.83 -7.53
N LEU A 358 -4.33 -6.62 -6.22
CA LEU A 358 -3.12 -6.50 -5.41
C LEU A 358 -2.26 -7.76 -5.47
N ALA A 359 -2.91 -8.93 -5.43
CA ALA A 359 -2.24 -10.24 -5.48
C ALA A 359 -1.42 -10.41 -6.76
N LYS A 360 -2.00 -10.00 -7.88
CA LYS A 360 -1.33 -10.10 -9.18
C LYS A 360 -0.18 -9.11 -9.30
N VAL A 361 -0.41 -7.85 -8.90
CA VAL A 361 0.59 -6.79 -8.99
C VAL A 361 1.90 -7.19 -8.30
N PHE A 362 1.80 -7.64 -7.06
CA PHE A 362 2.97 -8.01 -6.28
C PHE A 362 3.50 -9.41 -6.61
N SER A 363 2.68 -10.20 -7.29
CA SER A 363 3.16 -11.46 -7.83
C SER A 363 4.19 -11.19 -8.93
N ILE A 364 3.89 -10.24 -9.81
CA ILE A 364 4.79 -9.82 -10.88
C ILE A 364 6.17 -9.47 -10.30
N PHE A 365 6.16 -8.59 -9.30
CA PHE A 365 7.39 -8.19 -8.62
C PHE A 365 8.16 -9.40 -8.06
N GLU A 366 7.44 -10.32 -7.40
CA GLU A 366 8.05 -11.54 -6.82
C GLU A 366 8.69 -12.45 -7.88
N GLU A 367 8.00 -12.58 -9.02
CA GLU A 367 8.51 -13.36 -10.15
C GLU A 367 9.71 -12.68 -10.81
N LEU A 368 9.81 -11.37 -10.65
CA LEU A 368 10.93 -10.61 -11.22
C LEU A 368 12.02 -10.27 -10.20
N GLY A 369 11.91 -10.89 -9.02
CA GLY A 369 12.92 -10.79 -7.95
C GLY A 369 13.16 -9.41 -7.36
N ILE A 370 12.14 -8.54 -7.40
CA ILE A 370 12.26 -7.17 -6.92
C ILE A 370 11.52 -6.94 -5.59
N SER A 371 12.20 -6.30 -4.64
CA SER A 371 11.59 -5.90 -3.38
C SER A 371 11.10 -4.44 -3.42
N VAL A 372 9.82 -4.28 -3.13
CA VAL A 372 9.12 -3.00 -3.06
C VAL A 372 9.22 -2.44 -1.65
N ASP A 373 9.28 -1.11 -1.52
CA ASP A 373 9.42 -0.46 -0.21
C ASP A 373 8.10 0.15 0.27
N VAL A 374 7.84 1.40 -0.14
CA VAL A 374 6.68 2.16 0.30
C VAL A 374 5.49 1.90 -0.63
N VAL A 375 4.27 1.82 -0.07
CA VAL A 375 3.06 1.58 -0.87
C VAL A 375 1.93 2.50 -0.43
N ALA A 376 1.18 3.01 -1.40
CA ALA A 376 -0.03 3.78 -1.17
C ALA A 376 -1.04 3.47 -2.28
N THR A 377 -2.28 3.91 -2.10
CA THR A 377 -3.35 3.60 -3.05
C THR A 377 -4.26 4.79 -3.29
N SER A 378 -5.04 4.71 -4.37
CA SER A 378 -6.24 5.54 -4.53
C SER A 378 -7.37 4.60 -4.97
N GLU A 379 -8.55 5.15 -5.26
CA GLU A 379 -9.70 4.32 -5.65
C GLU A 379 -9.45 3.46 -6.89
N VAL A 380 -8.62 3.96 -7.79
CA VAL A 380 -8.32 3.24 -9.05
C VAL A 380 -6.83 3.14 -9.37
N SER A 381 -5.99 3.26 -8.34
CA SER A 381 -4.55 3.16 -8.55
C SER A 381 -3.83 2.65 -7.33
N ILE A 382 -2.70 2.01 -7.58
CA ILE A 382 -1.75 1.70 -6.53
C ILE A 382 -0.35 2.20 -6.92
N SER A 383 0.27 2.94 -6.01
CA SER A 383 1.58 3.52 -6.23
C SER A 383 2.55 2.91 -5.25
N LEU A 384 3.80 2.77 -5.68
CA LEU A 384 4.80 2.08 -4.88
C LEU A 384 6.19 2.57 -5.20
N THR A 385 7.11 2.26 -4.31
CA THR A 385 8.47 2.73 -4.42
C THR A 385 9.37 1.51 -4.22
N LEU A 386 10.44 1.40 -4.99
CA LEU A 386 11.31 0.22 -4.93
C LEU A 386 12.38 0.40 -3.87
N ASP A 387 12.75 -0.68 -3.19
CA ASP A 387 13.82 -0.64 -2.17
C ASP A 387 14.95 0.28 -2.65
N PRO A 388 15.47 1.14 -1.75
CA PRO A 388 16.61 1.97 -2.12
C PRO A 388 17.78 1.08 -2.51
N SER A 389 18.57 1.49 -3.50
CA SER A 389 19.62 0.64 -4.05
C SER A 389 20.72 0.25 -3.05
N LYS A 390 21.02 1.14 -2.10
CA LYS A 390 22.06 0.88 -1.09
C LYS A 390 21.74 -0.32 -0.21
N LEU A 391 20.48 -0.75 -0.23
CA LEU A 391 20.01 -1.92 0.49
C LEU A 391 20.39 -3.19 -0.25
N TRP A 392 20.88 -3.02 -1.48
CA TRP A 392 21.24 -4.14 -2.36
C TRP A 392 22.67 -4.04 -2.89
N SER A 393 23.02 -4.87 -3.87
CA SER A 393 24.39 -4.94 -4.37
C SER A 393 24.62 -4.05 -5.59
N ARG A 394 23.54 -3.70 -6.26
CA ARG A 394 23.60 -3.00 -7.53
C ARG A 394 22.32 -2.16 -7.69
N GLU A 395 22.34 -1.22 -8.62
CA GLU A 395 21.11 -0.55 -9.05
C GLU A 395 20.44 -1.41 -10.10
N LEU A 396 19.11 -1.38 -10.15
CA LEU A 396 18.38 -2.06 -11.21
C LEU A 396 18.72 -1.41 -12.56
N ILE A 397 19.02 -2.22 -13.57
CA ILE A 397 19.36 -1.71 -14.89
C ILE A 397 18.12 -1.45 -15.76
N GLN A 398 18.24 -0.51 -16.69
CA GLN A 398 17.12 -0.06 -17.54
C GLN A 398 16.31 -1.21 -18.14
N GLN A 399 16.99 -2.29 -18.50
CA GLN A 399 16.34 -3.50 -19.01
C GLN A 399 15.35 -4.06 -18.00
N GLU A 400 15.81 -4.24 -16.76
CA GLU A 400 15.01 -4.83 -15.68
C GLU A 400 13.74 -4.03 -15.39
N LEU A 401 13.86 -2.70 -15.45
CA LEU A 401 12.71 -1.84 -15.26
C LEU A 401 11.68 -2.02 -16.38
N ASP A 402 12.17 -1.98 -17.62
CA ASP A 402 11.33 -2.13 -18.82
C ASP A 402 10.52 -3.42 -18.79
N HIS A 403 11.07 -4.45 -18.16
CA HIS A 403 10.38 -5.73 -17.99
C HIS A 403 9.27 -5.64 -16.93
N VAL A 404 9.52 -4.93 -15.83
CA VAL A 404 8.49 -4.74 -14.80
C VAL A 404 7.30 -4.01 -15.40
N VAL A 405 7.59 -2.90 -16.08
CA VAL A 405 6.58 -2.06 -16.71
C VAL A 405 5.74 -2.86 -17.73
N GLU A 406 6.42 -3.61 -18.60
CA GLU A 406 5.73 -4.42 -19.61
C GLU A 406 4.78 -5.44 -18.99
N GLU A 407 5.25 -6.08 -17.93
CA GLU A 407 4.44 -7.07 -17.24
C GLU A 407 3.22 -6.43 -16.59
N LEU A 408 3.43 -5.29 -15.93
CA LEU A 408 2.35 -4.53 -15.31
C LEU A 408 1.42 -3.91 -16.35
N GLU A 409 1.97 -3.59 -17.52
CA GLU A 409 1.23 -2.91 -18.58
C GLU A 409 0.17 -3.82 -19.22
N LYS A 410 0.23 -5.11 -18.89
CA LYS A 410 -0.76 -6.10 -19.34
C LYS A 410 -2.07 -5.98 -18.56
N ILE A 411 -1.99 -5.49 -17.32
CA ILE A 411 -3.19 -5.36 -16.48
C ILE A 411 -3.56 -3.93 -16.11
N ALA A 412 -2.67 -2.97 -16.36
CA ALA A 412 -2.90 -1.57 -15.98
C ALA A 412 -2.16 -0.54 -16.85
N VAL A 413 -2.44 0.75 -16.58
CA VAL A 413 -1.67 1.86 -17.13
C VAL A 413 -0.58 2.20 -16.12
N VAL A 414 0.67 2.08 -16.56
CA VAL A 414 1.83 2.13 -15.68
C VAL A 414 2.70 3.36 -15.96
N ASN A 415 3.23 3.95 -14.88
CA ASN A 415 4.17 5.07 -14.98
C ASN A 415 5.37 4.90 -14.07
N LEU A 416 6.57 4.98 -14.65
CA LEU A 416 7.81 4.90 -13.88
C LEU A 416 8.40 6.30 -13.69
N LEU A 417 8.81 6.61 -12.47
CA LEU A 417 9.42 7.90 -12.17
C LEU A 417 10.72 7.74 -11.37
N LYS A 418 11.83 8.03 -12.03
CA LYS A 418 13.14 7.96 -11.39
C LYS A 418 13.44 9.25 -10.65
N GLY A 419 14.53 9.24 -9.88
CA GLY A 419 15.02 10.44 -9.21
C GLY A 419 14.09 11.07 -8.20
N ARG A 420 13.38 10.25 -7.44
CA ARG A 420 12.62 10.70 -6.26
C ARG A 420 13.39 10.42 -4.98
N ALA A 421 12.81 10.81 -3.85
CA ALA A 421 13.42 10.58 -2.54
C ALA A 421 12.33 10.49 -1.49
N ILE A 422 12.61 9.74 -0.41
CA ILE A 422 11.67 9.59 0.70
C ILE A 422 12.17 10.35 1.92
N ILE A 423 11.32 11.25 2.45
CA ILE A 423 11.55 11.80 3.78
C ILE A 423 10.63 11.05 4.75
N SER A 424 11.22 10.41 5.75
CA SER A 424 10.43 9.73 6.78
C SER A 424 10.44 10.54 8.06
N LEU A 425 9.25 10.84 8.57
CA LEU A 425 9.09 11.46 9.87
C LEU A 425 8.82 10.40 10.95
N ILE A 426 9.74 10.28 11.89
CA ILE A 426 9.60 9.35 13.01
C ILE A 426 9.28 10.17 14.26
N GLY A 427 8.06 10.03 14.76
CA GLY A 427 7.63 10.83 15.90
C GLY A 427 6.70 10.16 16.90
N ASN A 428 6.07 10.99 17.71
CA ASN A 428 5.16 10.54 18.72
C ASN A 428 3.76 10.49 18.15
N VAL A 429 3.22 9.29 18.05
CA VAL A 429 1.95 9.08 17.40
C VAL A 429 0.79 9.89 18.03
N GLN A 430 0.93 10.20 19.32
CA GLN A 430 -0.03 11.03 20.05
C GLN A 430 -0.15 12.47 19.54
N HIS A 431 0.82 12.94 18.77
CA HIS A 431 0.78 14.30 18.26
C HIS A 431 0.86 14.34 16.74
N SER A 432 0.36 13.27 16.11
CA SER A 432 0.36 13.12 14.67
C SER A 432 -0.11 14.39 13.93
N SER A 433 -1.32 14.85 14.25
CA SER A 433 -1.87 16.03 13.59
C SER A 433 -0.98 17.27 13.79
N LEU A 434 -0.54 17.49 15.02
CA LEU A 434 0.37 18.60 15.35
C LEU A 434 1.62 18.57 14.47
N ILE A 435 2.27 17.40 14.46
CA ILE A 435 3.44 17.12 13.64
C ILE A 435 3.15 17.41 12.17
N LEU A 436 1.99 16.96 11.70
CA LEU A 436 1.64 17.06 10.28
C LEU A 436 1.27 18.46 9.84
N GLU A 437 0.54 19.19 10.68
CA GLU A 437 0.26 20.61 10.41
C GLU A 437 1.57 21.37 10.21
N ARG A 438 2.51 21.16 11.13
CA ARG A 438 3.79 21.85 11.09
C ARG A 438 4.61 21.47 9.85
N ALA A 439 4.74 20.17 9.63
CA ALA A 439 5.51 19.62 8.50
C ALA A 439 5.05 20.23 7.17
N PHE A 440 3.76 20.10 6.88
CA PHE A 440 3.20 20.61 5.64
C PHE A 440 3.22 22.13 5.57
N HIS A 441 3.16 22.80 6.72
CA HIS A 441 3.34 24.24 6.73
C HIS A 441 4.72 24.57 6.19
N VAL A 442 5.74 23.84 6.69
CA VAL A 442 7.11 24.03 6.25
C VAL A 442 7.23 23.79 4.73
N LEU A 443 6.67 22.67 4.27
CA LEU A 443 6.73 22.32 2.87
C LEU A 443 6.02 23.34 1.97
N TYR A 444 4.87 23.85 2.44
CA TYR A 444 4.11 24.88 1.73
C TYR A 444 4.91 26.17 1.60
N THR A 445 5.58 26.56 2.68
CA THR A 445 6.48 27.73 2.71
C THR A 445 7.53 27.66 1.60
N LYS A 446 8.09 26.46 1.41
CA LYS A 446 9.11 26.22 0.41
C LYS A 446 8.52 26.04 -0.98
N GLY A 447 7.22 25.84 -1.07
CA GLY A 447 6.56 25.59 -2.36
C GLY A 447 6.75 24.15 -2.82
N VAL A 448 6.90 23.25 -1.85
CA VAL A 448 7.11 21.83 -2.14
C VAL A 448 5.81 21.04 -1.95
N ASN A 449 5.46 20.25 -2.96
CA ASN A 449 4.33 19.34 -2.87
C ASN A 449 4.79 17.89 -2.81
N VAL A 450 4.35 17.18 -1.78
CA VAL A 450 4.65 15.78 -1.61
C VAL A 450 3.88 14.98 -2.64
N GLN A 451 4.59 14.12 -3.37
CA GLN A 451 3.98 13.32 -4.44
C GLN A 451 3.24 12.07 -3.95
N MET A 452 3.65 11.54 -2.80
CA MET A 452 3.08 10.31 -2.27
C MET A 452 3.22 10.31 -0.75
N ILE A 453 2.12 10.01 -0.05
CA ILE A 453 2.13 9.94 1.42
C ILE A 453 1.72 8.54 1.87
N SER A 454 2.38 8.02 2.90
CA SER A 454 2.07 6.68 3.41
C SER A 454 2.37 6.49 4.90
N GLN A 455 1.31 6.33 5.68
CA GLN A 455 1.41 6.00 7.11
C GLN A 455 0.51 4.82 7.43
N GLY A 456 1.07 3.81 8.10
CA GLY A 456 0.31 2.63 8.48
C GLY A 456 -0.35 2.79 9.83
N ALA A 457 -1.13 1.78 10.23
CA ALA A 457 -1.97 1.81 11.44
C ALA A 457 -1.23 2.31 12.69
N SER A 458 -1.47 3.58 13.04
CA SER A 458 -0.90 4.26 14.20
C SER A 458 0.62 4.12 14.33
N LYS A 459 1.30 4.05 13.18
CA LYS A 459 2.74 3.82 13.16
C LYS A 459 3.49 5.11 13.46
N VAL A 460 4.68 4.98 14.05
CA VAL A 460 5.53 6.14 14.35
C VAL A 460 6.14 6.76 13.09
N ASN A 461 6.08 6.03 11.98
CA ASN A 461 6.74 6.37 10.72
C ASN A 461 5.76 6.84 9.65
N ILE A 462 5.91 8.08 9.20
CA ILE A 462 5.15 8.57 8.04
C ILE A 462 6.09 9.02 6.93
N SER A 463 5.85 8.55 5.71
CA SER A 463 6.75 8.81 4.59
C SER A 463 6.17 9.77 3.56
N PHE A 464 6.98 10.73 3.13
CA PHE A 464 6.67 11.58 1.97
C PHE A 464 7.58 11.24 0.82
N ILE A 465 7.02 11.11 -0.37
CA ILE A 465 7.85 11.03 -1.58
C ILE A 465 8.03 12.41 -2.20
N VAL A 466 9.28 12.77 -2.39
CA VAL A 466 9.66 14.10 -2.80
C VAL A 466 10.63 13.94 -4.00
N ASN A 467 11.03 15.04 -4.64
CA ASN A 467 12.07 14.94 -5.67
C ASN A 467 13.48 14.93 -5.07
N GLU A 468 14.35 14.09 -5.61
CA GLU A 468 15.73 13.97 -5.12
C GLU A 468 16.44 15.31 -4.95
N ALA A 469 16.26 16.20 -5.92
CA ALA A 469 16.93 17.51 -5.93
C ALA A 469 16.50 18.46 -4.81
N GLU A 470 15.27 18.31 -4.31
CA GLU A 470 14.73 19.22 -3.30
C GLU A 470 14.79 18.61 -1.89
N ALA A 471 15.14 17.33 -1.84
CA ALA A 471 15.08 16.53 -0.61
C ALA A 471 15.92 17.09 0.53
N GLU A 472 17.20 17.31 0.27
CA GLU A 472 18.15 17.76 1.28
C GLU A 472 17.74 19.09 1.93
N GLY A 473 17.34 20.05 1.09
CA GLY A 473 16.84 21.33 1.56
C GLY A 473 15.56 21.21 2.38
N CYS A 474 14.75 20.20 2.08
CA CYS A 474 13.53 19.93 2.84
C CYS A 474 13.87 19.38 4.22
N VAL A 475 14.79 18.42 4.28
CA VAL A 475 15.21 17.82 5.54
C VAL A 475 15.73 18.89 6.49
N GLN A 476 16.57 19.78 5.98
CA GLN A 476 17.13 20.88 6.76
C GLN A 476 16.03 21.79 7.30
N ALA A 477 15.10 22.17 6.43
CA ALA A 477 13.96 23.00 6.83
C ALA A 477 13.13 22.32 7.93
N LEU A 478 12.79 21.05 7.73
CA LEU A 478 12.00 20.29 8.70
C LEU A 478 12.71 20.22 10.05
N HIS A 479 14.02 19.98 10.02
CA HIS A 479 14.82 19.89 11.23
C HIS A 479 14.83 21.22 11.97
N LYS A 480 14.98 22.32 11.22
CA LYS A 480 14.97 23.67 11.77
C LYS A 480 13.66 23.96 12.52
N SER A 481 12.55 23.49 11.97
CA SER A 481 11.21 23.76 12.50
C SER A 481 10.89 22.92 13.74
N PHE A 482 11.44 21.70 13.80
CA PHE A 482 11.06 20.74 14.83
C PHE A 482 12.04 20.63 15.98
N PHE A 483 13.33 20.82 15.71
CA PHE A 483 14.38 20.60 16.70
C PHE A 483 15.13 21.87 17.06
N GLU A 484 14.92 22.94 16.30
CA GLU A 484 15.64 24.18 16.54
C GLU A 484 14.72 25.34 16.92
N SER A 485 13.41 25.09 16.92
CA SER A 485 12.42 26.13 17.27
C SER A 485 12.09 26.15 18.76
N GLY A 486 13.01 25.66 19.60
CA GLY A 486 12.81 25.62 21.04
C GLY A 486 11.83 24.54 21.48
N ASP A 487 11.49 24.57 22.77
CA ASP A 487 10.55 23.60 23.35
C ASP A 487 9.18 23.71 22.67
N LEU A 488 8.72 22.60 22.09
CA LEU A 488 7.49 22.63 21.33
C LEU A 488 6.24 22.27 22.15
N SER A 489 6.23 22.69 23.40
CA SER A 489 5.05 22.54 24.25
C SER A 489 4.04 23.66 24.01
N GLU A 490 3.25 23.49 22.96
CA GLU A 490 1.99 24.22 22.77
C GLU A 490 0.89 23.18 22.48
N LEU A 491 0.67 22.31 23.47
CA LEU A 491 -0.35 21.26 23.40
C LEU A 491 -1.65 21.77 24.00
N LEU A 492 -2.78 21.27 23.49
CA LEU A 492 -4.10 21.61 24.02
C LEU A 492 -4.31 21.10 25.46
N ILE A 493 -4.43 22.03 26.40
CA ILE A 493 -4.74 21.72 27.80
C ILE A 493 -5.81 22.66 28.36
N GLN A 494 -6.05 22.62 29.68
CA GLN A 494 -7.07 23.46 30.32
C GLN A 494 -6.48 24.44 31.32
N LYS B 25 -32.02 15.81 -38.45
CA LYS B 25 -30.78 15.78 -37.60
C LYS B 25 -30.63 14.48 -36.79
N GLY B 26 -31.68 14.13 -36.03
CA GLY B 26 -31.73 12.82 -35.37
C GLY B 26 -31.61 12.78 -33.85
N ILE B 27 -30.88 11.79 -33.36
CA ILE B 27 -30.72 11.51 -31.92
C ILE B 27 -29.68 12.45 -31.31
N THR B 28 -29.99 13.02 -30.14
CA THR B 28 -29.14 14.07 -29.54
C THR B 28 -28.34 13.67 -28.29
N CYS B 29 -28.99 12.96 -27.35
CA CYS B 29 -28.36 12.62 -26.07
C CYS B 29 -28.93 11.36 -25.40
N VAL B 30 -28.17 10.80 -24.46
CA VAL B 30 -28.64 9.70 -23.62
C VAL B 30 -29.02 10.25 -22.25
N MET B 31 -30.16 9.78 -21.73
CA MET B 31 -30.61 10.14 -20.39
C MET B 31 -30.76 8.90 -19.56
N LYS B 32 -29.96 8.82 -18.50
CA LYS B 32 -29.96 7.66 -17.62
C LYS B 32 -30.66 7.99 -16.30
N PHE B 33 -31.53 7.09 -15.88
CA PHE B 33 -32.32 7.24 -14.66
C PHE B 33 -32.17 6.04 -13.74
N GLY B 34 -31.82 6.30 -12.49
CA GLY B 34 -31.64 5.27 -11.48
C GLY B 34 -32.93 4.73 -10.91
N GLY B 35 -32.82 3.73 -10.04
CA GLY B 35 -33.98 3.09 -9.42
C GLY B 35 -35.00 4.03 -8.82
N SER B 36 -34.54 4.94 -7.97
CA SER B 36 -35.46 5.82 -7.23
C SER B 36 -36.18 6.87 -8.10
N SER B 37 -35.59 7.22 -9.25
CA SER B 37 -36.24 8.06 -10.27
C SER B 37 -37.48 7.39 -10.87
N VAL B 38 -37.50 6.06 -10.86
CA VAL B 38 -38.62 5.29 -11.36
C VAL B 38 -39.11 4.27 -10.32
N ALA B 39 -39.16 4.69 -9.06
CA ALA B 39 -39.57 3.84 -7.94
C ALA B 39 -41.08 3.63 -7.88
N SER B 40 -41.83 4.49 -8.57
CA SER B 40 -43.29 4.42 -8.61
C SER B 40 -43.84 5.08 -9.88
N ALA B 41 -45.12 4.87 -10.15
CA ALA B 41 -45.80 5.52 -11.27
C ALA B 41 -45.71 7.04 -11.13
N GLU B 42 -45.85 7.52 -9.91
CA GLU B 42 -45.76 8.93 -9.63
C GLU B 42 -44.37 9.49 -9.99
N ARG B 43 -43.30 8.80 -9.58
CA ARG B 43 -41.95 9.20 -9.98
C ARG B 43 -41.75 9.07 -11.50
N MET B 44 -42.32 8.03 -12.09
CA MET B 44 -42.26 7.83 -13.54
C MET B 44 -42.88 9.02 -14.28
N LYS B 45 -43.94 9.58 -13.70
CA LYS B 45 -44.60 10.75 -14.28
C LYS B 45 -43.65 11.97 -14.32
N GLU B 46 -42.76 12.08 -13.34
CA GLU B 46 -41.73 13.14 -13.33
C GLU B 46 -40.75 12.95 -14.48
N VAL B 47 -40.30 11.71 -14.69
CA VAL B 47 -39.35 11.40 -15.76
C VAL B 47 -39.96 11.78 -17.11
N ALA B 48 -41.19 11.32 -17.36
CA ALA B 48 -41.91 11.64 -18.59
C ALA B 48 -42.03 13.15 -18.79
N ASP B 49 -42.28 13.86 -17.68
CA ASP B 49 -42.34 15.33 -17.68
C ASP B 49 -41.01 15.98 -18.06
N LEU B 50 -39.90 15.38 -17.63
CA LEU B 50 -38.58 15.85 -18.02
C LEU B 50 -38.37 15.72 -19.53
N ILE B 51 -38.70 14.55 -20.08
CA ILE B 51 -38.57 14.32 -21.52
C ILE B 51 -39.29 15.42 -22.32
N LEU B 52 -40.46 15.83 -21.83
CA LEU B 52 -41.27 16.84 -22.51
C LEU B 52 -40.85 18.28 -22.20
N THR B 53 -39.95 18.44 -21.23
CA THR B 53 -39.36 19.76 -20.93
C THR B 53 -38.38 20.16 -22.04
N PHE B 54 -37.80 19.18 -22.72
CA PHE B 54 -36.87 19.45 -23.81
C PHE B 54 -37.34 18.83 -25.15
N PRO B 55 -38.41 19.42 -25.77
CA PRO B 55 -38.90 18.85 -27.03
C PRO B 55 -37.96 19.12 -28.21
N GLU B 56 -37.09 20.11 -28.04
CA GLU B 56 -36.06 20.44 -29.02
C GLU B 56 -34.90 19.44 -28.96
N GLU B 57 -35.07 18.40 -28.12
CA GLU B 57 -34.07 17.35 -27.93
C GLU B 57 -34.71 15.98 -28.18
N SER B 58 -33.95 15.06 -28.79
CA SER B 58 -34.45 13.72 -29.12
C SER B 58 -33.60 12.64 -28.44
N PRO B 59 -33.98 12.24 -27.21
CA PRO B 59 -33.07 11.48 -26.35
C PRO B 59 -33.19 9.96 -26.48
N VAL B 60 -32.20 9.27 -25.91
CA VAL B 60 -32.31 7.83 -25.65
C VAL B 60 -32.40 7.65 -24.14
N ILE B 61 -33.45 6.98 -23.68
CA ILE B 61 -33.67 6.80 -22.25
C ILE B 61 -33.10 5.47 -21.79
N VAL B 62 -32.31 5.51 -20.72
CA VAL B 62 -31.75 4.31 -20.09
C VAL B 62 -32.33 4.19 -18.68
N LEU B 63 -33.07 3.12 -18.44
CA LEU B 63 -33.72 2.92 -17.15
C LEU B 63 -33.15 1.76 -16.36
N SER B 64 -33.07 1.95 -15.04
CA SER B 64 -32.81 0.88 -14.09
C SER B 64 -34.12 0.18 -13.75
N ALA B 65 -34.04 -0.83 -12.88
CA ALA B 65 -35.25 -1.45 -12.34
C ALA B 65 -35.98 -0.46 -11.43
N MET B 66 -37.25 -0.74 -11.14
CA MET B 66 -38.05 0.13 -10.27
C MET B 66 -37.55 0.04 -8.84
N GLY B 67 -37.08 1.19 -8.33
CA GLY B 67 -36.36 1.30 -7.06
C GLY B 67 -36.43 0.12 -6.12
N LYS B 68 -35.29 -0.50 -5.90
CA LYS B 68 -35.16 -1.63 -4.97
C LYS B 68 -35.64 -3.01 -5.48
N THR B 69 -36.22 -3.08 -6.68
CA THR B 69 -36.64 -4.39 -7.19
C THR B 69 -35.47 -5.28 -7.62
N THR B 70 -34.35 -4.68 -8.01
CA THR B 70 -33.15 -5.45 -8.32
C THR B 70 -32.63 -6.16 -7.07
N ASN B 71 -32.53 -5.43 -5.98
CA ASN B 71 -32.14 -6.03 -4.71
C ASN B 71 -33.16 -7.07 -4.26
N ASN B 72 -34.44 -6.76 -4.47
CA ASN B 72 -35.53 -7.65 -4.10
C ASN B 72 -35.48 -8.98 -4.84
N LEU B 73 -35.13 -8.94 -6.13
CA LEU B 73 -34.99 -10.13 -6.96
C LEU B 73 -33.89 -11.05 -6.43
N LEU B 74 -32.73 -10.46 -6.11
CA LEU B 74 -31.60 -11.20 -5.56
C LEU B 74 -31.95 -11.85 -4.22
N LEU B 75 -32.65 -11.09 -3.37
CA LEU B 75 -33.08 -11.59 -2.07
C LEU B 75 -34.03 -12.77 -2.25
N ALA B 76 -34.95 -12.64 -3.21
CA ALA B 76 -35.90 -13.70 -3.56
C ALA B 76 -35.15 -14.95 -4.01
N GLY B 77 -34.11 -14.77 -4.82
CA GLY B 77 -33.26 -15.85 -5.29
C GLY B 77 -32.66 -16.64 -4.16
N GLU B 78 -31.95 -15.94 -3.26
CA GLU B 78 -31.30 -16.58 -2.11
C GLU B 78 -32.28 -17.26 -1.18
N LYS B 79 -33.45 -16.64 -0.99
CA LYS B 79 -34.51 -17.21 -0.16
C LYS B 79 -35.04 -18.48 -0.79
N ALA B 80 -35.20 -18.46 -2.12
CA ALA B 80 -35.73 -19.59 -2.88
C ALA B 80 -34.89 -20.85 -2.67
N VAL B 81 -33.57 -20.71 -2.71
CA VAL B 81 -32.63 -21.83 -2.58
C VAL B 81 -32.98 -22.76 -1.41
N SER B 82 -33.55 -22.19 -0.34
CA SER B 82 -33.72 -22.94 0.91
C SER B 82 -35.10 -22.83 1.57
N CYS B 83 -36.10 -22.34 0.84
CA CYS B 83 -37.45 -22.21 1.42
C CYS B 83 -38.34 -23.44 1.22
N GLY B 84 -38.04 -24.24 0.21
CA GLY B 84 -38.87 -25.38 -0.14
C GLY B 84 -39.71 -25.09 -1.37
N VAL B 85 -40.06 -26.14 -2.11
CA VAL B 85 -40.82 -26.00 -3.36
C VAL B 85 -42.23 -25.47 -3.14
N SER B 86 -42.96 -26.13 -2.25
CA SER B 86 -44.40 -25.86 -2.02
C SER B 86 -44.72 -24.42 -1.58
N ASN B 87 -43.68 -23.64 -1.30
CA ASN B 87 -43.86 -22.26 -0.85
C ASN B 87 -42.88 -21.23 -1.44
N ALA B 88 -42.54 -21.40 -2.72
CA ALA B 88 -41.76 -20.39 -3.44
C ALA B 88 -42.63 -19.20 -3.81
N SER B 89 -43.91 -19.48 -4.08
CA SER B 89 -44.89 -18.43 -4.38
C SER B 89 -45.23 -17.55 -3.16
N GLU B 90 -44.75 -17.95 -1.99
CA GLU B 90 -44.95 -17.21 -0.75
C GLU B 90 -43.83 -16.22 -0.42
N ILE B 91 -42.64 -16.45 -0.98
CA ILE B 91 -41.47 -15.58 -0.75
C ILE B 91 -41.91 -14.12 -0.80
N GLU B 92 -41.68 -13.40 0.30
CA GLU B 92 -42.17 -12.05 0.45
C GLU B 92 -41.71 -11.12 -0.67
N GLU B 93 -40.41 -11.11 -0.93
CA GLU B 93 -39.85 -10.29 -2.01
C GLU B 93 -40.59 -10.46 -3.34
N LEU B 94 -41.05 -11.67 -3.61
CA LEU B 94 -41.82 -11.95 -4.82
C LEU B 94 -43.13 -11.16 -4.86
N SER B 95 -43.92 -11.25 -3.79
CA SER B 95 -45.17 -10.47 -3.72
C SER B 95 -44.95 -8.95 -3.57
N ILE B 96 -43.82 -8.53 -3.01
CA ILE B 96 -43.45 -7.11 -3.02
C ILE B 96 -43.30 -6.68 -4.48
N ILE B 97 -42.52 -7.45 -5.23
CA ILE B 97 -42.26 -7.17 -6.64
C ILE B 97 -43.53 -7.28 -7.47
N LYS B 98 -44.27 -8.37 -7.32
CA LYS B 98 -45.54 -8.55 -8.02
C LYS B 98 -46.45 -7.35 -7.83
N GLU B 99 -46.67 -6.97 -6.56
CA GLU B 99 -47.62 -5.91 -6.27
C GLU B 99 -47.19 -4.53 -6.77
N LEU B 100 -45.90 -4.20 -6.66
CA LEU B 100 -45.40 -2.90 -7.12
C LEU B 100 -45.79 -2.69 -8.58
N HIS B 101 -45.57 -3.72 -9.39
CA HIS B 101 -45.74 -3.62 -10.83
C HIS B 101 -47.20 -3.68 -11.28
N ILE B 102 -47.98 -4.58 -10.69
CA ILE B 102 -49.44 -4.61 -10.92
C ILE B 102 -49.98 -3.21 -10.65
N ARG B 103 -49.68 -2.68 -9.47
CA ARG B 103 -50.14 -1.36 -9.04
C ARG B 103 -49.68 -0.23 -9.96
N THR B 104 -48.41 -0.26 -10.37
CA THR B 104 -47.88 0.75 -11.29
C THR B 104 -48.61 0.72 -12.65
N VAL B 105 -48.98 -0.47 -13.10
CA VAL B 105 -49.77 -0.61 -14.32
C VAL B 105 -51.15 0.05 -14.17
N LYS B 106 -51.80 -0.21 -13.03
CA LYS B 106 -53.11 0.37 -12.69
C LYS B 106 -53.04 1.90 -12.69
N GLU B 107 -52.09 2.45 -11.94
CA GLU B 107 -51.90 3.89 -11.75
C GLU B 107 -51.60 4.63 -13.06
N LEU B 108 -50.88 3.99 -13.97
CA LEU B 108 -50.48 4.65 -15.20
C LEU B 108 -51.46 4.37 -16.31
N ASN B 109 -52.34 3.40 -16.07
CA ASN B 109 -53.40 3.02 -17.00
C ASN B 109 -52.85 2.31 -18.25
N ILE B 110 -52.00 1.30 -18.01
CA ILE B 110 -51.39 0.49 -19.06
C ILE B 110 -52.12 -0.85 -19.21
N ASP B 111 -51.99 -1.47 -20.38
CA ASP B 111 -52.45 -2.84 -20.59
C ASP B 111 -51.60 -3.82 -19.76
N PRO B 112 -52.21 -4.46 -18.75
CA PRO B 112 -51.43 -5.27 -17.80
C PRO B 112 -50.93 -6.60 -18.39
N SER B 113 -51.48 -6.99 -19.53
CA SER B 113 -51.16 -8.27 -20.17
C SER B 113 -49.66 -8.56 -20.25
N VAL B 114 -48.90 -7.65 -20.86
CA VAL B 114 -47.45 -7.84 -21.04
C VAL B 114 -46.70 -8.06 -19.72
N ILE B 115 -46.99 -7.21 -18.74
CA ILE B 115 -46.33 -7.25 -17.44
C ILE B 115 -46.68 -8.52 -16.66
N LEU B 116 -47.93 -8.96 -16.80
CA LEU B 116 -48.42 -10.15 -16.10
C LEU B 116 -47.69 -11.41 -16.57
N THR B 117 -47.35 -11.45 -17.85
CA THR B 117 -46.61 -12.56 -18.43
C THR B 117 -45.21 -12.63 -17.80
N TYR B 118 -44.54 -11.49 -17.76
CA TYR B 118 -43.20 -11.37 -17.18
C TYR B 118 -43.17 -11.72 -15.70
N LEU B 119 -44.27 -11.42 -15.00
CA LEU B 119 -44.37 -11.71 -13.57
C LEU B 119 -44.60 -13.20 -13.30
N GLU B 120 -45.40 -13.83 -14.16
CA GLU B 120 -45.63 -15.27 -14.07
C GLU B 120 -44.33 -16.04 -14.33
N GLU B 121 -43.61 -15.61 -15.37
CA GLU B 121 -42.26 -16.11 -15.65
C GLU B 121 -41.35 -16.03 -14.42
N LEU B 122 -41.33 -14.87 -13.76
CA LEU B 122 -40.52 -14.64 -12.56
C LEU B 122 -40.80 -15.67 -11.47
N GLU B 123 -42.09 -15.87 -11.19
CA GLU B 123 -42.53 -16.87 -10.22
C GLU B 123 -42.13 -18.28 -10.61
N GLN B 124 -42.21 -18.58 -11.92
CA GLN B 124 -41.79 -19.87 -12.44
C GLN B 124 -40.32 -20.12 -12.14
N LEU B 125 -39.48 -19.13 -12.47
CA LEU B 125 -38.03 -19.22 -12.26
C LEU B 125 -37.68 -19.47 -10.80
N LEU B 126 -38.39 -18.81 -9.90
CA LEU B 126 -38.16 -18.99 -8.47
C LEU B 126 -38.57 -20.38 -8.01
N LYS B 127 -39.65 -20.91 -8.61
CA LYS B 127 -40.07 -22.29 -8.37
C LYS B 127 -38.97 -23.24 -8.83
N GLY B 128 -38.34 -22.89 -9.94
CA GLY B 128 -37.16 -23.60 -10.43
C GLY B 128 -36.02 -23.61 -9.44
N ILE B 129 -35.63 -22.43 -8.96
CA ILE B 129 -34.54 -22.31 -7.98
C ILE B 129 -34.86 -23.10 -6.72
N ALA B 130 -36.07 -22.91 -6.19
CA ALA B 130 -36.53 -23.60 -4.98
C ALA B 130 -36.48 -25.13 -5.11
N MET B 131 -36.90 -25.64 -6.26
CA MET B 131 -36.84 -27.08 -6.56
C MET B 131 -35.43 -27.67 -6.52
N MET B 132 -34.47 -26.91 -7.06
CA MET B 132 -33.12 -27.42 -7.31
C MET B 132 -32.13 -27.11 -6.19
N LYS B 133 -32.51 -26.22 -5.27
CA LYS B 133 -31.62 -25.76 -4.17
C LYS B 133 -30.29 -25.19 -4.70
N GLU B 134 -30.33 -24.58 -5.89
CA GLU B 134 -29.13 -24.14 -6.61
C GLU B 134 -29.36 -22.83 -7.35
N LEU B 135 -28.41 -21.91 -7.17
CA LEU B 135 -28.45 -20.61 -7.82
C LEU B 135 -27.08 -20.23 -8.38
N THR B 136 -26.87 -20.52 -9.67
CA THR B 136 -25.61 -20.19 -10.33
C THR B 136 -25.57 -18.70 -10.70
N LEU B 137 -24.38 -18.20 -10.97
CA LEU B 137 -24.19 -16.82 -11.41
C LEU B 137 -24.92 -16.53 -12.71
N ARG B 138 -24.98 -17.54 -13.59
CA ARG B 138 -25.75 -17.44 -14.83
C ARG B 138 -27.24 -17.20 -14.56
N THR B 139 -27.78 -17.91 -13.57
CA THR B 139 -29.20 -17.78 -13.22
C THR B 139 -29.44 -16.43 -12.56
N ARG B 140 -28.54 -16.07 -11.66
CA ARG B 140 -28.59 -14.80 -10.95
C ARG B 140 -28.75 -13.65 -11.94
N ASP B 141 -27.98 -13.67 -13.02
CA ASP B 141 -28.06 -12.64 -14.05
C ASP B 141 -29.40 -12.61 -14.77
N TYR B 142 -29.98 -13.79 -14.98
CA TYR B 142 -31.29 -13.90 -15.61
C TYR B 142 -32.36 -13.33 -14.69
N LEU B 143 -32.32 -13.76 -13.43
CA LEU B 143 -33.22 -13.29 -12.38
C LEU B 143 -33.32 -11.77 -12.35
N VAL B 144 -32.19 -11.10 -12.19
CA VAL B 144 -32.19 -9.64 -12.10
C VAL B 144 -32.68 -8.94 -13.37
N SER B 145 -32.46 -9.57 -14.52
CA SER B 145 -32.83 -8.99 -15.82
C SER B 145 -34.32 -8.68 -15.93
N PHE B 146 -35.14 -9.41 -15.18
CA PHE B 146 -36.57 -9.12 -15.08
C PHE B 146 -36.82 -7.70 -14.60
N GLY B 147 -35.98 -7.25 -13.66
CA GLY B 147 -36.05 -5.91 -13.11
C GLY B 147 -36.20 -4.81 -14.14
N GLU B 148 -35.13 -4.58 -14.91
CA GLU B 148 -35.15 -3.51 -15.92
C GLU B 148 -36.00 -3.87 -17.13
N CYS B 149 -36.25 -5.16 -17.36
CA CYS B 149 -37.16 -5.58 -18.41
C CYS B 149 -38.58 -5.13 -18.14
N LEU B 150 -38.99 -5.24 -16.87
CA LEU B 150 -40.28 -4.75 -16.42
C LEU B 150 -40.32 -3.23 -16.48
N SER B 151 -39.25 -2.60 -15.98
CA SER B 151 -39.11 -1.15 -15.92
C SER B 151 -39.38 -0.48 -17.25
N THR B 152 -38.51 -0.77 -18.21
CA THR B 152 -38.58 -0.17 -19.54
C THR B 152 -39.91 -0.44 -20.22
N ARG B 153 -40.48 -1.62 -20.01
CA ARG B 153 -41.76 -1.98 -20.64
C ARG B 153 -42.95 -1.17 -20.12
N ILE B 154 -43.02 -1.00 -18.81
CA ILE B 154 -44.02 -0.14 -18.19
C ILE B 154 -43.88 1.29 -18.70
N PHE B 155 -42.66 1.82 -18.63
CA PHE B 155 -42.44 3.21 -18.99
C PHE B 155 -42.72 3.50 -20.46
N ALA B 156 -42.24 2.63 -21.34
CA ALA B 156 -42.44 2.82 -22.79
C ALA B 156 -43.93 2.84 -23.12
N ALA B 157 -44.67 1.86 -22.59
CA ALA B 157 -46.11 1.81 -22.75
C ALA B 157 -46.76 3.09 -22.26
N TYR B 158 -46.32 3.58 -21.10
CA TYR B 158 -46.89 4.81 -20.53
C TYR B 158 -46.71 6.03 -21.43
N LEU B 159 -45.51 6.21 -21.98
CA LEU B 159 -45.25 7.31 -22.91
C LEU B 159 -46.20 7.30 -24.11
N ASN B 160 -46.42 6.11 -24.69
CA ASN B 160 -47.38 5.93 -25.80
C ASN B 160 -48.82 6.26 -25.40
N THR B 161 -49.12 6.06 -24.12
CA THR B 161 -50.41 6.42 -23.54
C THR B 161 -50.62 7.93 -23.59
N ILE B 162 -49.57 8.69 -23.29
CA ILE B 162 -49.68 10.13 -23.18
C ILE B 162 -49.27 10.89 -24.44
N GLY B 163 -49.19 10.18 -25.56
CA GLY B 163 -48.89 10.80 -26.87
C GLY B 163 -47.43 10.84 -27.31
N VAL B 164 -46.54 10.30 -26.48
CA VAL B 164 -45.11 10.21 -26.81
C VAL B 164 -44.78 8.87 -27.48
N LYS B 165 -44.57 8.92 -28.79
CA LYS B 165 -44.16 7.76 -29.57
C LYS B 165 -42.83 7.23 -29.02
N ALA B 166 -42.88 6.02 -28.46
CA ALA B 166 -41.71 5.41 -27.79
C ALA B 166 -41.59 3.91 -28.07
N ARG B 167 -40.34 3.41 -28.05
CA ARG B 167 -40.05 2.00 -28.31
C ARG B 167 -39.12 1.45 -27.24
N GLN B 168 -39.51 0.36 -26.60
CA GLN B 168 -38.70 -0.24 -25.55
C GLN B 168 -37.66 -1.17 -26.16
N TYR B 169 -36.49 -1.21 -25.53
CA TYR B 169 -35.39 -2.01 -26.03
C TYR B 169 -34.75 -2.86 -24.94
N ASP B 170 -34.61 -4.15 -25.21
CA ASP B 170 -33.80 -5.01 -24.37
C ASP B 170 -32.36 -4.96 -24.88
N ALA B 171 -31.48 -4.36 -24.09
CA ALA B 171 -30.05 -4.24 -24.45
C ALA B 171 -29.46 -5.53 -25.01
N PHE B 172 -29.79 -6.66 -24.38
CA PHE B 172 -29.27 -7.97 -24.80
C PHE B 172 -29.83 -8.44 -26.15
N GLU B 173 -30.87 -7.76 -26.64
CA GLU B 173 -31.49 -8.10 -27.92
C GLU B 173 -31.08 -7.13 -29.05
N ILE B 174 -30.62 -5.94 -28.69
CA ILE B 174 -29.90 -5.11 -29.65
C ILE B 174 -28.40 -5.47 -29.56
N GLY B 175 -27.53 -4.58 -29.99
CA GLY B 175 -26.10 -4.91 -30.08
C GLY B 175 -25.24 -4.96 -28.83
N PHE B 176 -25.81 -5.19 -27.64
CA PHE B 176 -25.00 -5.28 -26.42
C PHE B 176 -24.37 -6.67 -26.27
N ILE B 177 -23.10 -6.76 -26.67
CA ILE B 177 -22.37 -8.04 -26.66
C ILE B 177 -21.27 -8.00 -25.61
N THR B 178 -21.30 -8.96 -24.69
CA THR B 178 -20.33 -9.01 -23.58
C THR B 178 -19.58 -10.34 -23.53
N THR B 179 -18.72 -10.49 -22.52
CA THR B 179 -18.08 -11.78 -22.23
C THR B 179 -19.10 -12.65 -21.50
N ASP B 180 -18.69 -13.86 -21.15
CA ASP B 180 -19.63 -14.83 -20.58
C ASP B 180 -19.42 -15.12 -19.10
N ASP B 181 -18.78 -14.20 -18.38
CA ASP B 181 -18.74 -14.30 -16.92
C ASP B 181 -19.79 -13.34 -16.35
N PHE B 182 -20.61 -13.87 -15.46
CA PHE B 182 -21.97 -13.36 -15.29
C PHE B 182 -22.18 -12.12 -14.43
N THR B 183 -21.84 -12.19 -13.15
CA THR B 183 -21.98 -11.03 -12.28
C THR B 183 -21.22 -9.82 -12.87
N ASN B 184 -20.30 -10.09 -13.80
CA ASN B 184 -19.38 -9.08 -14.33
C ASN B 184 -19.16 -9.21 -15.84
N GLY B 185 -20.19 -8.90 -16.62
CA GLY B 185 -20.10 -8.96 -18.09
C GLY B 185 -19.32 -7.81 -18.71
N ASP B 186 -18.24 -8.15 -19.39
CA ASP B 186 -17.37 -7.15 -19.98
C ASP B 186 -17.81 -6.83 -21.41
N ILE B 187 -18.17 -5.56 -21.65
CA ILE B 187 -18.59 -5.11 -22.98
C ILE B 187 -17.47 -5.29 -24.03
N LEU B 188 -17.80 -6.00 -25.11
CA LEU B 188 -16.86 -6.26 -26.21
C LEU B 188 -16.98 -5.25 -27.34
N GLU B 189 -15.86 -4.95 -27.99
CA GLU B 189 -15.79 -3.90 -29.01
C GLU B 189 -16.90 -3.91 -30.08
N ALA B 190 -17.31 -5.11 -30.49
CA ALA B 190 -18.35 -5.28 -31.53
C ALA B 190 -19.72 -4.69 -31.17
N THR B 191 -19.87 -4.25 -29.91
CA THR B 191 -21.09 -3.61 -29.42
C THR B 191 -21.35 -2.25 -30.08
N TYR B 192 -20.30 -1.44 -30.23
CA TYR B 192 -20.44 -0.08 -30.76
C TYR B 192 -21.03 0.03 -32.18
N PRO B 193 -20.52 -0.74 -33.15
CA PRO B 193 -21.19 -0.68 -34.46
C PRO B 193 -22.55 -1.40 -34.50
N ALA B 194 -22.71 -2.48 -33.71
CA ALA B 194 -23.96 -3.24 -33.67
C ALA B 194 -25.12 -2.42 -33.12
N VAL B 195 -24.90 -1.76 -31.99
CA VAL B 195 -25.89 -0.91 -31.33
C VAL B 195 -26.24 0.31 -32.20
N ALA B 196 -25.22 0.95 -32.76
CA ALA B 196 -25.40 2.13 -33.63
C ALA B 196 -26.27 1.83 -34.85
N LYS B 197 -26.01 0.69 -35.50
CA LYS B 197 -26.77 0.28 -36.67
C LYS B 197 -28.23 -0.03 -36.31
N ARG B 198 -28.42 -0.73 -35.20
CA ARG B 198 -29.75 -1.18 -34.78
C ARG B 198 -30.66 0.00 -34.40
N LEU B 199 -30.16 0.89 -33.54
CA LEU B 199 -30.92 2.06 -33.08
C LEU B 199 -31.14 3.09 -34.18
N TYR B 200 -30.20 3.16 -35.12
CA TYR B 200 -30.29 4.10 -36.24
C TYR B 200 -31.33 3.66 -37.28
N ASP B 201 -31.26 2.39 -37.70
CA ASP B 201 -32.19 1.83 -38.68
C ASP B 201 -33.64 1.99 -38.23
N ASP B 202 -33.89 1.76 -36.94
CA ASP B 202 -35.24 1.88 -36.37
C ASP B 202 -35.72 3.32 -36.32
N TRP B 203 -34.82 4.25 -36.01
CA TRP B 203 -35.15 5.66 -35.87
C TRP B 203 -35.47 6.31 -37.22
N MET B 204 -34.66 6.00 -38.23
CA MET B 204 -34.90 6.52 -39.57
C MET B 204 -36.16 5.95 -40.22
N HIS B 205 -36.48 4.69 -39.92
CA HIS B 205 -37.72 4.07 -40.40
C HIS B 205 -38.96 4.79 -39.82
N ASP B 206 -39.06 4.84 -38.50
CA ASP B 206 -40.01 5.72 -37.80
C ASP B 206 -39.52 6.12 -36.39
N PRO B 207 -39.28 7.43 -36.19
CA PRO B 207 -38.72 7.94 -34.94
C PRO B 207 -39.60 7.70 -33.72
N ALA B 208 -39.00 7.10 -32.69
CA ALA B 208 -39.66 6.89 -31.40
C ALA B 208 -38.58 6.99 -30.33
N VAL B 209 -38.95 7.53 -29.16
CA VAL B 209 -38.01 7.62 -28.03
C VAL B 209 -37.59 6.22 -27.56
N PRO B 210 -36.31 5.87 -27.76
CA PRO B 210 -35.84 4.57 -27.32
C PRO B 210 -35.75 4.49 -25.79
N ILE B 211 -36.34 3.44 -25.23
CA ILE B 211 -36.31 3.21 -23.78
C ILE B 211 -35.55 1.93 -23.53
N VAL B 212 -34.26 2.06 -23.21
CA VAL B 212 -33.34 0.91 -23.12
C VAL B 212 -33.07 0.45 -21.68
N THR B 213 -32.96 -0.87 -21.52
CA THR B 213 -32.66 -1.51 -20.24
C THR B 213 -31.29 -1.14 -19.69
N GLY B 214 -31.15 -1.30 -18.37
CA GLY B 214 -29.97 -0.87 -17.65
C GLY B 214 -28.81 -1.81 -17.81
N PHE B 215 -28.38 -2.42 -16.72
CA PHE B 215 -27.10 -3.13 -16.75
C PHE B 215 -27.17 -4.53 -17.35
N LEU B 216 -27.47 -4.58 -18.65
CA LEU B 216 -27.73 -5.85 -19.34
C LEU B 216 -26.94 -6.01 -20.63
N GLY B 217 -26.60 -7.27 -20.93
CA GLY B 217 -25.83 -7.63 -22.12
C GLY B 217 -26.12 -9.07 -22.53
N LYS B 218 -25.72 -9.42 -23.75
CA LYS B 218 -26.05 -10.74 -24.33
C LYS B 218 -25.01 -11.84 -24.08
N GLY B 219 -23.72 -11.52 -24.18
CA GLY B 219 -22.69 -12.54 -23.97
C GLY B 219 -22.41 -13.34 -25.22
N TRP B 220 -21.14 -13.35 -25.63
CA TRP B 220 -20.69 -13.86 -26.92
C TRP B 220 -20.98 -15.35 -27.18
N LYS B 221 -20.59 -16.22 -26.25
CA LYS B 221 -20.62 -17.67 -26.47
C LYS B 221 -21.93 -18.34 -26.06
N THR B 222 -22.46 -17.97 -24.90
CA THR B 222 -23.64 -18.63 -24.35
C THR B 222 -24.94 -18.09 -24.96
N GLY B 223 -24.93 -16.81 -25.32
CA GLY B 223 -26.15 -16.12 -25.75
C GLY B 223 -27.06 -15.75 -24.59
N ALA B 224 -26.61 -16.08 -23.37
CA ALA B 224 -27.39 -15.88 -22.15
C ALA B 224 -27.36 -14.44 -21.63
N VAL B 225 -28.42 -14.05 -20.92
CA VAL B 225 -28.52 -12.69 -20.39
C VAL B 225 -27.39 -12.39 -19.41
N THR B 226 -26.81 -11.21 -19.53
CA THR B 226 -25.67 -10.80 -18.74
C THR B 226 -25.89 -9.43 -18.09
N THR B 227 -25.38 -9.26 -16.87
CA THR B 227 -25.35 -7.95 -16.23
C THR B 227 -23.96 -7.33 -16.34
N LEU B 228 -23.91 -6.01 -16.46
CA LEU B 228 -22.67 -5.31 -16.77
C LEU B 228 -21.69 -5.08 -15.61
N GLY B 229 -22.01 -5.66 -14.45
CA GLY B 229 -21.19 -5.50 -13.24
C GLY B 229 -21.37 -4.13 -12.60
N ARG B 230 -20.32 -3.66 -11.93
CA ARG B 230 -20.34 -2.36 -11.27
C ARG B 230 -20.53 -1.25 -12.30
N GLY B 231 -21.11 -0.14 -11.85
CA GLY B 231 -21.48 0.93 -12.78
C GLY B 231 -22.29 0.40 -13.94
N GLY B 232 -23.41 -0.23 -13.62
CA GLY B 232 -24.27 -0.87 -14.60
C GLY B 232 -24.91 0.10 -15.57
N SER B 233 -26.09 0.61 -15.20
CA SER B 233 -26.89 1.48 -16.07
C SER B 233 -26.09 2.69 -16.59
N ASP B 234 -25.19 3.21 -15.75
CA ASP B 234 -24.30 4.29 -16.16
C ASP B 234 -23.49 3.87 -17.40
N LEU B 235 -22.92 2.66 -17.35
CA LEU B 235 -22.17 2.10 -18.47
C LEU B 235 -23.03 1.94 -19.72
N THR B 236 -24.26 1.47 -19.54
CA THR B 236 -25.21 1.37 -20.64
C THR B 236 -25.36 2.72 -21.32
N ALA B 237 -25.58 3.77 -20.53
CA ALA B 237 -25.70 5.13 -21.06
C ALA B 237 -24.45 5.61 -21.80
N THR B 238 -23.28 5.46 -21.18
CA THR B 238 -22.02 5.89 -21.80
C THR B 238 -21.72 5.12 -23.09
N THR B 239 -21.97 3.82 -23.06
CA THR B 239 -21.80 2.97 -24.25
C THR B 239 -22.65 3.49 -25.40
N ILE B 240 -23.95 3.72 -25.16
CA ILE B 240 -24.84 4.30 -26.17
C ILE B 240 -24.25 5.61 -26.69
N GLY B 241 -23.83 6.47 -25.78
CA GLY B 241 -23.22 7.76 -26.12
C GLY B 241 -22.09 7.67 -27.13
N LYS B 242 -21.13 6.77 -26.88
CA LYS B 242 -20.00 6.57 -27.80
C LYS B 242 -20.44 5.94 -29.12
N ALA B 243 -21.31 4.95 -29.04
CA ALA B 243 -21.79 4.22 -30.21
C ALA B 243 -22.48 5.14 -31.22
N LEU B 244 -23.18 6.15 -30.72
CA LEU B 244 -23.97 7.05 -31.54
C LEU B 244 -23.33 8.43 -31.69
N GLY B 245 -22.10 8.57 -31.21
CA GLY B 245 -21.35 9.83 -31.30
C GLY B 245 -22.11 11.06 -30.83
N LEU B 246 -22.81 10.92 -29.71
CA LEU B 246 -23.67 12.00 -29.19
C LEU B 246 -22.86 13.12 -28.55
N LYS B 247 -23.49 14.28 -28.39
CA LYS B 247 -22.82 15.47 -27.84
C LYS B 247 -22.55 15.42 -26.33
N GLU B 248 -23.45 14.82 -25.56
CA GLU B 248 -23.22 14.55 -24.13
C GLU B 248 -24.03 13.39 -23.54
N ILE B 249 -23.49 12.77 -22.49
CA ILE B 249 -24.16 11.72 -21.72
C ILE B 249 -24.61 12.32 -20.38
N GLN B 250 -25.89 12.12 -20.06
CA GLN B 250 -26.51 12.72 -18.88
C GLN B 250 -26.91 11.67 -17.86
N VAL B 251 -26.53 11.88 -16.60
CA VAL B 251 -26.93 11.02 -15.50
C VAL B 251 -27.78 11.85 -14.53
N TRP B 252 -28.99 11.37 -14.27
CA TRP B 252 -29.95 12.11 -13.45
C TRP B 252 -29.98 11.68 -11.98
N LYS B 253 -30.07 12.68 -11.09
CA LYS B 253 -30.11 12.49 -9.64
C LYS B 253 -31.14 13.43 -9.01
N ASP B 254 -31.30 13.36 -7.68
CA ASP B 254 -32.27 14.17 -6.96
C ASP B 254 -31.64 15.40 -6.28
N VAL B 255 -30.36 15.63 -6.55
CA VAL B 255 -29.59 16.74 -5.98
C VAL B 255 -28.83 17.48 -7.08
N ASP B 256 -28.30 18.67 -6.79
CA ASP B 256 -27.63 19.48 -7.83
C ASP B 256 -26.22 18.98 -8.23
N GLY B 257 -26.18 17.77 -8.79
CA GLY B 257 -24.95 17.17 -9.29
C GLY B 257 -24.11 16.55 -8.20
N VAL B 258 -22.79 16.62 -8.38
CA VAL B 258 -21.83 16.21 -7.36
C VAL B 258 -21.63 17.37 -6.38
N LEU B 259 -21.62 17.05 -5.09
CA LEU B 259 -21.58 18.08 -4.05
C LEU B 259 -20.27 18.01 -3.27
N THR B 260 -19.96 19.10 -2.55
CA THR B 260 -18.73 19.20 -1.76
C THR B 260 -18.64 18.17 -0.65
N CYS B 261 -19.79 17.63 -0.24
CA CYS B 261 -19.85 16.46 0.65
C CYS B 261 -21.24 15.83 0.57
N ASP B 262 -21.49 14.83 1.40
CA ASP B 262 -22.79 14.17 1.42
C ASP B 262 -23.78 14.92 2.33
N PRO B 263 -24.83 15.52 1.74
CA PRO B 263 -25.83 16.30 2.47
C PRO B 263 -26.48 15.56 3.64
N THR B 264 -26.46 14.23 3.58
CA THR B 264 -26.90 13.38 4.68
C THR B 264 -26.03 13.58 5.91
N ILE B 265 -24.72 13.71 5.70
CA ILE B 265 -23.77 13.92 6.79
C ILE B 265 -23.80 15.37 7.27
N TYR B 266 -23.86 16.30 6.33
CA TYR B 266 -23.75 17.73 6.66
C TYR B 266 -24.59 18.56 5.69
N LYS B 267 -25.54 19.31 6.24
CA LYS B 267 -26.59 19.96 5.47
C LYS B 267 -26.05 20.95 4.42
N ARG B 268 -24.86 21.50 4.69
CA ARG B 268 -24.29 22.58 3.89
C ARG B 268 -23.51 22.18 2.64
N ALA B 269 -23.71 20.96 2.17
CA ALA B 269 -23.10 20.54 0.90
C ALA B 269 -23.50 21.51 -0.23
N THR B 270 -22.53 21.92 -1.04
CA THR B 270 -22.75 22.82 -2.15
C THR B 270 -22.39 22.07 -3.42
N PRO B 271 -23.11 22.32 -4.54
CA PRO B 271 -22.75 21.75 -5.84
C PRO B 271 -21.34 22.07 -6.33
N VAL B 272 -20.72 21.08 -6.96
CA VAL B 272 -19.41 21.20 -7.60
C VAL B 272 -19.60 21.28 -9.14
N PRO B 273 -19.62 22.51 -9.70
CA PRO B 273 -19.98 22.79 -11.10
C PRO B 273 -19.18 22.03 -12.15
N TYR B 274 -17.86 21.89 -11.95
CA TYR B 274 -16.99 21.21 -12.93
C TYR B 274 -16.08 20.16 -12.30
N LEU B 275 -16.06 18.98 -12.92
CA LEU B 275 -15.16 17.90 -12.55
C LEU B 275 -14.35 17.44 -13.75
N THR B 276 -13.24 16.78 -13.46
CA THR B 276 -12.41 16.14 -14.47
C THR B 276 -12.70 14.63 -14.43
N PHE B 277 -12.73 13.98 -15.59
CA PHE B 277 -12.92 12.52 -15.64
C PHE B 277 -12.05 11.79 -14.64
N ASP B 278 -10.91 12.40 -14.34
CA ASP B 278 -9.94 11.87 -13.41
C ASP B 278 -10.42 12.07 -11.98
N GLU B 279 -10.89 13.28 -11.68
CA GLU B 279 -11.41 13.60 -10.38
C GLU B 279 -12.65 12.75 -10.10
N ALA B 280 -13.50 12.60 -11.12
CA ALA B 280 -14.71 11.77 -11.01
C ALA B 280 -14.38 10.34 -10.58
N ALA B 281 -13.37 9.74 -11.21
CA ALA B 281 -12.94 8.38 -10.89
C ALA B 281 -12.60 8.22 -9.41
N GLU B 282 -12.10 9.30 -8.80
CA GLU B 282 -11.70 9.29 -7.39
C GLU B 282 -12.82 9.73 -6.46
N LEU B 283 -13.97 10.11 -7.02
CA LEU B 283 -14.99 10.82 -6.27
C LEU B 283 -16.41 10.31 -6.45
N ALA B 284 -16.88 10.28 -7.71
CA ALA B 284 -18.30 10.09 -8.03
C ALA B 284 -18.95 8.81 -7.51
N TYR B 285 -18.19 7.74 -7.34
CA TYR B 285 -18.77 6.47 -6.92
C TYR B 285 -19.04 6.38 -5.41
N PHE B 286 -18.13 6.94 -4.62
CA PHE B 286 -18.32 6.99 -3.17
C PHE B 286 -18.87 8.32 -2.65
N GLY B 287 -18.84 9.36 -3.50
CA GLY B 287 -19.32 10.69 -3.14
C GLY B 287 -20.77 10.89 -3.50
N ALA B 288 -21.06 10.80 -4.80
CA ALA B 288 -22.41 10.52 -5.28
C ALA B 288 -22.55 9.00 -5.30
N GLN B 289 -23.68 8.46 -5.73
CA GLN B 289 -23.78 7.02 -5.88
C GLN B 289 -23.85 6.63 -7.35
N VAL B 290 -23.04 7.30 -8.16
CA VAL B 290 -23.11 7.19 -9.62
C VAL B 290 -21.71 7.12 -10.25
N LEU B 291 -21.69 6.74 -11.52
CA LEU B 291 -20.48 6.77 -12.35
C LEU B 291 -19.27 6.07 -11.75
N HIS B 292 -19.38 4.75 -11.61
CA HIS B 292 -18.25 3.90 -11.24
C HIS B 292 -17.19 4.09 -12.32
N PRO B 293 -15.91 4.14 -11.92
CA PRO B 293 -14.83 4.46 -12.85
C PRO B 293 -14.90 3.72 -14.18
N GLN B 294 -15.36 2.47 -14.12
CA GLN B 294 -15.46 1.61 -15.29
C GLN B 294 -16.51 2.10 -16.29
N SER B 295 -17.54 2.77 -15.79
CA SER B 295 -18.61 3.28 -16.63
C SER B 295 -18.20 4.47 -17.49
N MET B 296 -17.19 5.23 -17.04
CA MET B 296 -16.80 6.44 -17.74
C MET B 296 -15.81 6.21 -18.87
N ARG B 297 -15.31 4.99 -19.01
CA ARG B 297 -14.32 4.66 -20.03
C ARG B 297 -14.78 4.90 -21.49
N PRO B 298 -16.00 4.43 -21.85
CA PRO B 298 -16.52 4.75 -23.18
C PRO B 298 -16.67 6.25 -23.45
N ALA B 299 -16.90 7.03 -22.39
CA ALA B 299 -17.05 8.48 -22.51
C ALA B 299 -15.68 9.17 -22.57
N ARG B 300 -14.69 8.58 -21.91
CA ARG B 300 -13.31 9.07 -21.99
C ARG B 300 -12.77 8.84 -23.40
N GLU B 301 -12.98 7.64 -23.93
CA GLU B 301 -12.51 7.26 -25.27
C GLU B 301 -13.18 8.08 -26.37
N GLY B 302 -14.51 8.20 -26.29
CA GLY B 302 -15.27 8.96 -27.27
C GLY B 302 -15.22 10.46 -27.09
N GLU B 303 -14.56 10.91 -26.02
CA GLU B 303 -14.44 12.33 -25.67
C GLU B 303 -15.79 13.03 -25.61
N ILE B 304 -16.71 12.40 -24.88
CA ILE B 304 -18.07 12.91 -24.70
C ILE B 304 -18.24 13.32 -23.22
N PRO B 305 -18.53 14.61 -22.97
CA PRO B 305 -18.72 15.08 -21.60
C PRO B 305 -19.90 14.38 -20.92
N VAL B 306 -19.74 14.06 -19.65
CA VAL B 306 -20.84 13.49 -18.86
C VAL B 306 -21.40 14.58 -17.95
N ARG B 307 -22.73 14.66 -17.89
CA ARG B 307 -23.41 15.63 -17.05
C ARG B 307 -24.27 14.96 -15.98
N VAL B 308 -24.17 15.45 -14.75
CA VAL B 308 -25.03 14.98 -13.66
C VAL B 308 -26.05 16.07 -13.34
N LYS B 309 -27.33 15.74 -13.53
CA LYS B 309 -28.42 16.73 -13.41
C LYS B 309 -29.43 16.41 -12.31
N ASN B 310 -30.06 17.47 -11.81
CA ASN B 310 -31.09 17.36 -10.79
C ASN B 310 -32.49 17.33 -11.41
N SER B 311 -33.20 16.22 -11.22
CA SER B 311 -34.55 16.11 -11.77
C SER B 311 -35.53 17.05 -11.08
N TYR B 312 -35.10 17.63 -9.95
CA TYR B 312 -35.88 18.67 -9.28
C TYR B 312 -35.44 20.08 -9.66
N ASN B 313 -34.48 20.17 -10.58
CA ASN B 313 -33.96 21.46 -11.06
C ASN B 313 -33.34 21.27 -12.45
N PRO B 314 -34.16 20.85 -13.43
CA PRO B 314 -33.64 20.29 -14.68
C PRO B 314 -33.06 21.30 -15.65
N LYS B 315 -33.32 22.58 -15.41
CA LYS B 315 -32.81 23.64 -16.27
C LYS B 315 -31.41 24.12 -15.81
N ALA B 316 -30.99 23.64 -14.64
CA ALA B 316 -29.72 24.03 -14.05
C ALA B 316 -28.54 23.24 -14.62
N PRO B 317 -27.33 23.83 -14.62
CA PRO B 317 -26.13 23.22 -15.19
C PRO B 317 -25.75 21.84 -14.58
N GLY B 318 -25.76 21.75 -13.25
CA GLY B 318 -25.37 20.52 -12.56
C GLY B 318 -23.86 20.40 -12.45
N THR B 319 -23.34 19.27 -12.91
CA THR B 319 -21.91 18.99 -12.89
C THR B 319 -21.50 18.40 -14.24
N ILE B 320 -20.62 19.10 -14.97
CA ILE B 320 -20.06 18.54 -16.21
C ILE B 320 -18.73 17.91 -15.88
N ILE B 321 -18.54 16.69 -16.40
CA ILE B 321 -17.27 16.00 -16.26
C ILE B 321 -16.62 15.91 -17.63
N THR B 322 -15.46 16.55 -17.75
CA THR B 322 -14.73 16.67 -19.02
C THR B 322 -13.28 16.22 -18.84
N LYS B 323 -12.54 16.15 -19.94
CA LYS B 323 -11.11 15.78 -19.88
C LYS B 323 -10.32 16.78 -19.03
N THR B 324 -10.59 18.07 -19.23
CA THR B 324 -9.88 19.13 -18.51
C THR B 324 -10.82 20.25 -18.07
N ARG B 325 -10.38 21.02 -17.08
CA ARG B 325 -11.10 22.19 -16.60
C ARG B 325 -10.16 23.26 -16.06
N ASP B 326 -10.65 24.50 -16.04
CA ASP B 326 -9.95 25.65 -15.47
C ASP B 326 -9.69 25.43 -13.97
N MET B 327 -8.44 25.27 -13.60
CA MET B 327 -8.07 24.97 -12.22
C MET B 327 -7.65 26.21 -11.41
N THR B 328 -7.65 27.36 -12.08
CA THR B 328 -7.27 28.65 -11.48
C THR B 328 -7.82 28.89 -10.07
N LYS B 329 -9.12 28.67 -9.90
CA LYS B 329 -9.81 28.94 -8.64
C LYS B 329 -9.88 27.69 -7.74
N SER B 330 -9.26 26.59 -8.15
CA SER B 330 -9.45 25.30 -7.49
C SER B 330 -8.46 24.98 -6.37
N ILE B 331 -8.99 24.77 -5.17
CA ILE B 331 -8.22 24.34 -4.00
C ILE B 331 -8.70 22.94 -3.58
N LEU B 332 -9.77 22.84 -2.79
CA LEU B 332 -10.37 21.54 -2.48
C LEU B 332 -11.64 21.36 -3.32
N THR B 333 -11.88 20.12 -3.76
CA THR B 333 -13.04 19.85 -4.61
C THR B 333 -14.22 19.26 -3.84
N SER B 334 -13.94 18.23 -3.04
CA SER B 334 -14.98 17.53 -2.27
C SER B 334 -14.37 16.71 -1.13
N ILE B 335 -15.18 16.39 -0.12
CA ILE B 335 -14.82 15.52 0.99
C ILE B 335 -15.66 14.26 0.88
N VAL B 336 -15.04 13.10 1.09
CA VAL B 336 -15.76 11.82 1.02
C VAL B 336 -15.65 11.05 2.33
N LEU B 337 -16.75 10.42 2.73
CA LEU B 337 -16.75 9.55 3.90
C LEU B 337 -17.10 8.09 3.57
N LYS B 338 -16.20 7.19 3.97
CA LYS B 338 -16.47 5.77 4.02
C LYS B 338 -16.77 5.47 5.48
N ARG B 339 -17.82 4.70 5.74
CA ARG B 339 -18.27 4.38 7.09
C ARG B 339 -18.04 2.92 7.44
N ASN B 340 -17.82 2.64 8.72
CA ASN B 340 -17.66 1.27 9.23
C ASN B 340 -16.74 0.41 8.40
N VAL B 341 -15.47 0.81 8.34
CA VAL B 341 -14.46 0.04 7.65
C VAL B 341 -13.63 -0.74 8.66
N THR B 342 -13.27 -1.96 8.26
CA THR B 342 -12.41 -2.85 9.02
C THR B 342 -10.97 -2.61 8.55
N MET B 343 -10.07 -2.40 9.51
CA MET B 343 -8.67 -2.18 9.23
C MET B 343 -7.81 -3.33 9.77
N LEU B 344 -6.82 -3.76 8.98
CA LEU B 344 -5.87 -4.79 9.40
C LEU B 344 -4.45 -4.27 9.39
N ASP B 345 -3.66 -4.72 10.36
CA ASP B 345 -2.25 -4.37 10.43
C ASP B 345 -1.40 -5.65 10.36
N ILE B 346 -0.38 -5.63 9.51
CA ILE B 346 0.45 -6.82 9.27
C ILE B 346 1.93 -6.46 9.45
N ALA B 347 2.47 -6.80 10.61
CA ALA B 347 3.85 -6.43 10.98
C ALA B 347 4.80 -7.62 11.01
N SER B 348 5.97 -7.46 10.39
CA SER B 348 7.04 -8.46 10.43
C SER B 348 8.40 -7.81 10.12
N THR B 349 9.42 -8.17 10.88
CA THR B 349 10.76 -7.62 10.67
C THR B 349 11.39 -8.18 9.40
N ARG B 350 10.91 -9.34 8.97
CA ARG B 350 11.40 -10.05 7.79
C ARG B 350 11.10 -9.27 6.50
N MET B 351 10.10 -8.41 6.55
CA MET B 351 9.67 -7.60 5.40
C MET B 351 10.77 -6.76 4.78
N LEU B 352 11.52 -6.07 5.64
CA LEU B 352 12.49 -5.08 5.20
C LEU B 352 13.61 -5.75 4.41
N GLY B 353 13.60 -5.50 3.11
CA GLY B 353 14.58 -6.10 2.20
C GLY B 353 14.27 -7.49 1.66
N GLN B 354 13.06 -7.99 1.91
CA GLN B 354 12.65 -9.31 1.41
C GLN B 354 11.74 -9.19 0.17
N VAL B 355 11.95 -10.07 -0.80
CA VAL B 355 11.11 -10.12 -2.01
C VAL B 355 9.94 -11.07 -1.74
N GLY B 356 8.73 -10.65 -2.09
CA GLY B 356 7.57 -11.57 -2.10
C GLY B 356 6.66 -11.61 -0.88
N PHE B 357 6.91 -10.75 0.10
CA PHE B 357 6.04 -10.63 1.27
C PHE B 357 4.70 -10.01 0.88
N LEU B 358 4.75 -8.90 0.13
CA LEU B 358 3.56 -8.28 -0.41
C LEU B 358 2.76 -9.24 -1.30
N ALA B 359 3.49 -10.04 -2.09
CA ALA B 359 2.87 -11.07 -2.93
C ALA B 359 2.14 -12.13 -2.10
N LYS B 360 2.78 -12.60 -1.04
CA LYS B 360 2.18 -13.55 -0.11
C LYS B 360 0.94 -12.97 0.58
N VAL B 361 1.07 -11.76 1.11
CA VAL B 361 0.02 -11.11 1.90
C VAL B 361 -1.29 -11.00 1.12
N PHE B 362 -1.21 -10.48 -0.11
CA PHE B 362 -2.39 -10.25 -0.92
C PHE B 362 -2.90 -11.50 -1.61
N SER B 363 -2.03 -12.50 -1.72
CA SER B 363 -2.42 -13.82 -2.19
C SER B 363 -3.41 -14.45 -1.22
N ILE B 364 -3.10 -14.36 0.08
CA ILE B 364 -3.99 -14.84 1.14
C ILE B 364 -5.39 -14.25 0.97
N PHE B 365 -5.45 -12.93 0.78
CA PHE B 365 -6.71 -12.24 0.54
C PHE B 365 -7.47 -12.74 -0.70
N GLU B 366 -6.74 -12.98 -1.79
CA GLU B 366 -7.32 -13.50 -3.03
C GLU B 366 -7.87 -14.92 -2.86
N GLU B 367 -7.14 -15.74 -2.10
CA GLU B 367 -7.57 -17.10 -1.76
C GLU B 367 -8.87 -17.10 -0.99
N LEU B 368 -9.10 -16.05 -0.20
CA LEU B 368 -10.28 -15.97 0.66
C LEU B 368 -11.38 -15.06 0.11
N GLY B 369 -11.23 -14.67 -1.17
CA GLY B 369 -12.23 -13.89 -1.89
C GLY B 369 -12.56 -12.52 -1.31
N ILE B 370 -11.55 -11.85 -0.77
CA ILE B 370 -11.73 -10.54 -0.13
C ILE B 370 -11.01 -9.46 -0.92
N SER B 371 -11.75 -8.38 -1.22
CA SER B 371 -11.17 -7.21 -1.87
C SER B 371 -10.76 -6.16 -0.83
N VAL B 372 -9.52 -5.68 -0.96
CA VAL B 372 -8.91 -4.70 -0.07
C VAL B 372 -8.98 -3.30 -0.68
N ASP B 373 -9.26 -2.29 0.14
CA ASP B 373 -9.45 -0.92 -0.35
C ASP B 373 -8.15 -0.12 -0.28
N VAL B 374 -7.87 0.43 0.90
CA VAL B 374 -6.74 1.33 1.11
C VAL B 374 -5.52 0.57 1.65
N VAL B 375 -4.34 0.93 1.17
CA VAL B 375 -3.09 0.30 1.62
C VAL B 375 -2.02 1.34 1.95
N ALA B 376 -1.33 1.14 3.08
CA ALA B 376 -0.17 1.95 3.47
C ALA B 376 0.89 1.05 4.07
N THR B 377 2.12 1.55 4.21
CA THR B 377 3.23 0.74 4.70
C THR B 377 4.09 1.46 5.72
N SER B 378 4.89 0.68 6.43
CA SER B 378 6.05 1.21 7.18
C SER B 378 7.26 0.30 6.87
N GLU B 379 8.38 0.54 7.55
CA GLU B 379 9.59 -0.24 7.30
C GLU B 379 9.40 -1.73 7.61
N VAL B 380 8.50 -2.02 8.55
CA VAL B 380 8.28 -3.38 9.04
C VAL B 380 6.82 -3.79 9.13
N SER B 381 5.94 -3.04 8.47
CA SER B 381 4.51 -3.34 8.49
C SER B 381 3.80 -2.92 7.22
N ILE B 382 2.67 -3.58 6.95
CA ILE B 382 1.75 -3.19 5.89
C ILE B 382 0.34 -3.12 6.52
N SER B 383 -0.43 -2.09 6.17
CA SER B 383 -1.74 -1.86 6.79
C SER B 383 -2.85 -1.78 5.75
N LEU B 384 -4.05 -2.24 6.11
CA LEU B 384 -5.13 -2.43 5.16
C LEU B 384 -6.49 -1.96 5.61
N THR B 385 -7.33 -1.67 4.63
CA THR B 385 -8.74 -1.42 4.81
C THR B 385 -9.42 -2.37 3.82
N LEU B 386 -10.45 -3.07 4.27
CA LEU B 386 -11.23 -3.92 3.36
C LEU B 386 -12.32 -3.08 2.71
N ASP B 387 -12.66 -3.39 1.46
CA ASP B 387 -13.75 -2.69 0.76
C ASP B 387 -14.91 -2.41 1.73
N PRO B 388 -15.50 -1.21 1.66
CA PRO B 388 -16.69 -0.93 2.45
C PRO B 388 -17.79 -1.94 2.14
N SER B 389 -18.50 -2.39 3.17
CA SER B 389 -19.52 -3.44 3.01
C SER B 389 -20.63 -3.09 2.03
N LYS B 390 -20.98 -1.81 1.94
CA LYS B 390 -22.03 -1.33 1.02
C LYS B 390 -21.66 -1.56 -0.45
N LEU B 391 -20.39 -1.82 -0.71
CA LEU B 391 -19.89 -2.14 -2.04
C LEU B 391 -20.21 -3.58 -2.41
N TRP B 392 -20.63 -4.35 -1.42
CA TRP B 392 -20.92 -5.78 -1.58
C TRP B 392 -22.33 -6.12 -1.11
N SER B 393 -22.61 -7.41 -0.95
CA SER B 393 -23.98 -7.85 -0.65
C SER B 393 -24.23 -8.05 0.84
N ARG B 394 -23.16 -8.13 1.61
CA ARG B 394 -23.22 -8.58 2.99
C ARG B 394 -21.97 -8.05 3.70
N GLU B 395 -22.05 -7.87 5.02
CA GLU B 395 -20.84 -7.65 5.81
C GLU B 395 -20.14 -9.00 5.98
N LEU B 396 -18.81 -8.98 6.14
CA LEU B 396 -18.09 -10.21 6.44
C LEU B 396 -18.38 -10.63 7.89
N ILE B 397 -18.62 -11.93 8.10
CA ILE B 397 -18.89 -12.44 9.45
C ILE B 397 -17.61 -12.84 10.20
N GLN B 398 -17.72 -12.97 11.52
CA GLN B 398 -16.56 -13.28 12.38
C GLN B 398 -15.71 -14.45 11.91
N GLN B 399 -16.35 -15.47 11.35
CA GLN B 399 -15.68 -16.64 10.79
C GLN B 399 -14.64 -16.21 9.77
N GLU B 400 -15.09 -15.44 8.77
CA GLU B 400 -14.25 -15.00 7.64
C GLU B 400 -13.12 -14.08 8.08
N LEU B 401 -13.38 -13.25 9.09
CA LEU B 401 -12.35 -12.39 9.67
C LEU B 401 -11.29 -13.20 10.43
N ASP B 402 -11.74 -14.15 11.25
CA ASP B 402 -10.83 -15.03 11.98
C ASP B 402 -9.99 -15.89 11.05
N HIS B 403 -10.49 -16.09 9.83
CA HIS B 403 -9.79 -16.87 8.81
C HIS B 403 -8.62 -16.12 8.16
N VAL B 404 -8.80 -14.83 7.81
CA VAL B 404 -7.69 -14.05 7.25
C VAL B 404 -6.59 -13.86 8.28
N VAL B 405 -6.98 -13.53 9.50
CA VAL B 405 -6.04 -13.29 10.60
C VAL B 405 -5.18 -14.52 10.90
N GLU B 406 -5.79 -15.71 10.90
CA GLU B 406 -5.04 -16.95 11.13
C GLU B 406 -4.06 -17.22 10.00
N GLU B 407 -4.56 -17.05 8.77
CA GLU B 407 -3.73 -17.24 7.60
C GLU B 407 -2.57 -16.26 7.57
N LEU B 408 -2.86 -14.99 7.90
CA LEU B 408 -1.84 -13.96 7.99
C LEU B 408 -0.86 -14.21 9.15
N GLU B 409 -1.38 -14.72 10.27
CA GLU B 409 -0.55 -14.97 11.47
C GLU B 409 0.55 -16.00 11.27
N LYS B 410 0.51 -16.72 10.15
CA LYS B 410 1.55 -17.67 9.77
C LYS B 410 2.83 -16.94 9.37
N ILE B 411 2.69 -15.73 8.86
CA ILE B 411 3.85 -14.97 8.36
C ILE B 411 4.11 -13.64 9.08
N ALA B 412 3.15 -13.18 9.89
CA ALA B 412 3.25 -11.87 10.54
C ALA B 412 2.51 -11.75 11.87
N VAL B 413 2.78 -10.67 12.61
CA VAL B 413 1.96 -10.29 13.77
C VAL B 413 0.79 -9.44 13.26
N VAL B 414 -0.41 -10.02 13.35
CA VAL B 414 -1.61 -9.45 12.76
C VAL B 414 -2.48 -8.76 13.81
N ASN B 415 -3.18 -7.71 13.40
CA ASN B 415 -4.00 -6.93 14.31
C ASN B 415 -5.20 -6.34 13.59
N LEU B 416 -6.41 -6.69 14.05
CA LEU B 416 -7.64 -6.30 13.37
C LEU B 416 -8.45 -5.27 14.16
N LEU B 417 -8.85 -4.19 13.49
CA LEU B 417 -9.58 -3.10 14.15
C LEU B 417 -10.88 -2.75 13.41
N LYS B 418 -12.00 -3.12 14.01
CA LYS B 418 -13.33 -2.84 13.45
C LYS B 418 -13.77 -1.41 13.74
N GLY B 419 -14.85 -0.99 13.12
CA GLY B 419 -15.44 0.33 13.40
C GLY B 419 -14.54 1.52 13.20
N ARG B 420 -13.82 1.54 12.08
CA ARG B 420 -13.07 2.72 11.63
C ARG B 420 -13.80 3.40 10.47
N ALA B 421 -13.27 4.52 9.99
CA ALA B 421 -13.90 5.26 8.89
C ALA B 421 -12.83 5.99 8.08
N ILE B 422 -13.07 6.12 6.77
CA ILE B 422 -12.15 6.82 5.88
C ILE B 422 -12.71 8.17 5.45
N ILE B 423 -11.92 9.22 5.64
CA ILE B 423 -12.20 10.52 5.05
C ILE B 423 -11.26 10.71 3.88
N SER B 424 -11.82 10.89 2.69
CA SER B 424 -11.02 11.20 1.51
C SER B 424 -11.12 12.69 1.21
N LEU B 425 -9.97 13.32 1.04
CA LEU B 425 -9.91 14.69 0.55
C LEU B 425 -9.56 14.70 -0.92
N ILE B 426 -10.53 15.08 -1.76
CA ILE B 426 -10.32 15.23 -3.19
C ILE B 426 -10.08 16.69 -3.54
N GLY B 427 -8.86 17.00 -3.96
CA GLY B 427 -8.49 18.37 -4.28
C GLY B 427 -7.46 18.56 -5.37
N ASN B 428 -7.04 19.82 -5.53
CA ASN B 428 -6.10 20.22 -6.55
C ASN B 428 -4.68 19.91 -6.11
N VAL B 429 -4.07 18.95 -6.79
CA VAL B 429 -2.80 18.41 -6.34
C VAL B 429 -1.66 19.46 -6.28
N GLN B 430 -1.86 20.55 -7.02
CA GLN B 430 -0.91 21.65 -7.04
C GLN B 430 -0.87 22.43 -5.72
N HIS B 431 -1.87 22.23 -4.87
CA HIS B 431 -1.91 22.89 -3.58
C HIS B 431 -1.99 21.89 -2.43
N SER B 432 -1.40 20.72 -2.65
CA SER B 432 -1.40 19.63 -1.69
C SER B 432 -0.95 20.09 -0.29
N SER B 433 0.22 20.70 -0.19
CA SER B 433 0.74 21.14 1.11
C SER B 433 -0.21 22.11 1.79
N LEU B 434 -0.78 23.03 1.01
CA LEU B 434 -1.82 23.95 1.49
C LEU B 434 -3.01 23.16 2.07
N ILE B 435 -3.58 22.27 1.26
CA ILE B 435 -4.66 21.37 1.71
C ILE B 435 -4.29 20.71 3.03
N LEU B 436 -3.14 20.02 3.07
CA LEU B 436 -2.77 19.20 4.23
C LEU B 436 -2.47 19.97 5.50
N GLU B 437 -1.81 21.12 5.38
CA GLU B 437 -1.59 21.99 6.54
C GLU B 437 -2.91 22.39 7.19
N ARG B 438 -3.82 22.92 6.36
CA ARG B 438 -5.13 23.32 6.84
C ARG B 438 -5.88 22.14 7.46
N ALA B 439 -5.92 21.03 6.74
CA ALA B 439 -6.63 19.82 7.16
C ALA B 439 -6.21 19.33 8.54
N PHE B 440 -4.90 19.10 8.72
CA PHE B 440 -4.40 18.60 9.98
C PHE B 440 -4.52 19.62 11.09
N HIS B 441 -4.49 20.90 10.74
CA HIS B 441 -4.72 21.95 11.72
C HIS B 441 -6.12 21.78 12.30
N VAL B 442 -7.10 21.54 11.43
CA VAL B 442 -8.48 21.32 11.85
C VAL B 442 -8.59 20.10 12.77
N LEU B 443 -7.98 18.99 12.37
CA LEU B 443 -8.00 17.77 13.16
C LEU B 443 -7.30 17.97 14.49
N TYR B 444 -6.19 18.72 14.47
CA TYR B 444 -5.44 19.04 15.70
C TYR B 444 -6.30 19.83 16.69
N THR B 445 -7.03 20.83 16.18
CA THR B 445 -7.97 21.63 16.97
C THR B 445 -8.98 20.74 17.70
N LYS B 446 -9.46 19.72 17.00
CA LYS B 446 -10.45 18.81 17.55
C LYS B 446 -9.84 17.69 18.42
N GLY B 447 -8.51 17.60 18.44
CA GLY B 447 -7.82 16.54 19.17
C GLY B 447 -7.91 15.20 18.47
N VAL B 448 -8.12 15.23 17.15
CA VAL B 448 -8.20 14.00 16.34
C VAL B 448 -6.86 13.69 15.69
N ASN B 449 -6.37 12.47 15.93
CA ASN B 449 -5.20 11.94 15.24
C ASN B 449 -5.58 10.87 14.24
N VAL B 450 -5.23 11.10 12.98
CA VAL B 450 -5.46 10.15 11.90
C VAL B 450 -4.66 8.88 12.17
N GLN B 451 -5.32 7.75 12.03
CA GLN B 451 -4.68 6.47 12.30
C GLN B 451 -3.84 5.96 11.14
N MET B 452 -4.22 6.30 9.91
CA MET B 452 -3.55 5.80 8.71
C MET B 452 -3.76 6.74 7.52
N ILE B 453 -2.68 7.06 6.81
CA ILE B 453 -2.72 8.01 5.69
C ILE B 453 -2.18 7.36 4.42
N SER B 454 -2.88 7.56 3.30
CA SER B 454 -2.46 6.98 2.02
C SER B 454 -2.80 7.86 0.80
N GLN B 455 -1.77 8.40 0.17
CA GLN B 455 -1.91 9.14 -1.11
C GLN B 455 -0.93 8.58 -2.14
N GLY B 456 -1.43 8.27 -3.33
CA GLY B 456 -0.58 7.76 -4.41
C GLY B 456 0.02 8.84 -5.29
N ALA B 457 0.94 8.44 -6.17
CA ALA B 457 1.70 9.35 -7.04
C ALA B 457 0.88 10.52 -7.61
N SER B 458 1.01 11.68 -6.94
CA SER B 458 0.34 12.92 -7.33
C SER B 458 -1.16 12.79 -7.57
N LYS B 459 -1.79 11.82 -6.92
CA LYS B 459 -3.22 11.58 -7.04
C LYS B 459 -4.02 12.67 -6.35
N VAL B 460 -5.23 12.91 -6.83
CA VAL B 460 -6.10 13.97 -6.29
C VAL B 460 -6.75 13.56 -4.98
N ASN B 461 -6.70 12.27 -4.67
CA ASN B 461 -7.32 11.67 -3.50
C ASN B 461 -6.30 11.39 -2.40
N ILE B 462 -6.58 11.86 -1.19
CA ILE B 462 -5.79 11.45 -0.02
C ILE B 462 -6.70 10.97 1.10
N SER B 463 -6.41 9.78 1.63
CA SER B 463 -7.29 9.15 2.61
C SER B 463 -6.74 9.18 4.03
N PHE B 464 -7.62 9.53 4.97
CA PHE B 464 -7.32 9.43 6.39
C PHE B 464 -8.19 8.37 7.01
N ILE B 465 -7.59 7.44 7.73
CA ILE B 465 -8.36 6.50 8.53
C ILE B 465 -8.58 7.06 9.94
N VAL B 466 -9.86 7.19 10.28
CA VAL B 466 -10.32 7.85 11.48
C VAL B 466 -11.28 6.89 12.22
N ASN B 467 -11.67 7.21 13.45
CA ASN B 467 -12.69 6.39 14.13
C ASN B 467 -14.11 6.69 13.65
N GLU B 468 -14.93 5.64 13.51
CA GLU B 468 -16.29 5.78 13.01
C GLU B 468 -17.08 6.85 13.77
N ALA B 469 -16.95 6.86 15.09
CA ALA B 469 -17.68 7.77 15.95
C ALA B 469 -17.35 9.26 15.73
N GLU B 470 -16.11 9.55 15.33
CA GLU B 470 -15.66 10.93 15.21
C GLU B 470 -15.69 11.43 13.76
N ALA B 471 -16.03 10.54 12.84
CA ALA B 471 -16.01 10.81 11.40
C ALA B 471 -16.86 12.00 10.98
N GLU B 472 -18.17 11.93 11.21
CA GLU B 472 -19.10 13.01 10.86
C GLU B 472 -18.66 14.40 11.35
N GLY B 473 -18.33 14.49 12.63
CA GLY B 473 -17.80 15.71 13.22
C GLY B 473 -16.61 16.24 12.45
N CYS B 474 -15.68 15.35 12.10
CA CYS B 474 -14.51 15.72 11.31
C CYS B 474 -14.87 16.25 9.93
N VAL B 475 -15.78 15.55 9.25
CA VAL B 475 -16.22 15.95 7.92
C VAL B 475 -16.81 17.35 7.95
N GLN B 476 -17.62 17.62 8.96
CA GLN B 476 -18.27 18.92 9.12
C GLN B 476 -17.27 20.05 9.36
N ALA B 477 -16.26 19.76 10.18
CA ALA B 477 -15.23 20.74 10.49
C ALA B 477 -14.36 21.02 9.27
N LEU B 478 -14.01 19.95 8.55
CA LEU B 478 -13.22 20.08 7.34
C LEU B 478 -13.96 20.89 6.28
N HIS B 479 -15.28 20.71 6.21
CA HIS B 479 -16.12 21.43 5.25
C HIS B 479 -16.21 22.91 5.58
N LYS B 480 -16.36 23.20 6.88
CA LYS B 480 -16.40 24.59 7.35
C LYS B 480 -15.11 25.33 7.00
N SER B 481 -13.97 24.64 7.17
CA SER B 481 -12.64 25.21 6.94
C SER B 481 -12.31 25.43 5.47
N PHE B 482 -12.84 24.57 4.61
CA PHE B 482 -12.46 24.58 3.19
C PHE B 482 -13.46 25.27 2.26
N PHE B 483 -14.75 25.15 2.58
CA PHE B 483 -15.80 25.62 1.70
C PHE B 483 -16.64 26.76 2.29
N GLU B 484 -16.48 27.02 3.58
CA GLU B 484 -17.27 28.06 4.25
C GLU B 484 -16.43 29.18 4.87
N SER B 485 -15.14 29.21 4.55
CA SER B 485 -14.23 30.25 5.06
C SER B 485 -13.88 31.31 4.00
N GLY B 486 -14.76 31.45 2.99
CA GLY B 486 -14.53 32.39 1.90
C GLY B 486 -13.52 31.90 0.89
N ASP B 487 -13.06 32.79 0.01
CA ASP B 487 -12.09 32.44 -1.03
C ASP B 487 -10.71 32.15 -0.43
N LEU B 488 -10.23 30.93 -0.65
CA LEU B 488 -8.96 30.50 -0.09
C LEU B 488 -7.78 30.86 -0.99
N SER B 489 -7.39 32.13 -0.94
CA SER B 489 -6.19 32.59 -1.64
C SER B 489 -5.30 33.41 -0.72
N GLU B 490 -4.57 32.68 0.13
CA GLU B 490 -3.44 33.21 0.87
C GLU B 490 -2.22 32.84 0.04
N LEU B 491 -2.42 31.82 -0.81
CA LEU B 491 -1.54 31.42 -1.92
C LEU B 491 -0.40 32.40 -2.25
N LEU B 492 0.84 31.93 -2.10
CA LEU B 492 2.04 32.77 -2.29
C LEU B 492 2.33 33.10 -3.76
N ILE B 493 2.24 34.38 -4.11
CA ILE B 493 2.51 34.87 -5.47
C ILE B 493 3.69 35.86 -5.44
N GLN B 494 3.60 36.92 -6.26
CA GLN B 494 4.64 37.96 -6.32
C GLN B 494 4.11 39.32 -5.91
#